data_1QDC
#
_entry.id   1QDC
#
_cell.length_a   69.510
_cell.length_b   117.03
_cell.length_c   120.920
_cell.angle_alpha   90.00
_cell.angle_beta   90.00
_cell.angle_gamma   90.00
#
_symmetry.space_group_name_H-M   'P 21 21 21'
#
loop_
_entity.id
_entity.type
_entity.pdbx_description
1 polymer 'PROTEIN (CONCANAVALIN A)'
2 branched 'alpha-D-mannopyranose-(1-6)-methyl alpha-D-mannopyranoside'
3 non-polymer 'MANGANESE (II) ION'
4 non-polymer 'CALCIUM ION'
5 non-polymer 'CHLORIDE ION'
6 water water
#
_entity_poly.entity_id   1
_entity_poly.type   'polypeptide(L)'
_entity_poly.pdbx_seq_one_letter_code
;ADTIVAVELDTYPNTDIGDPSYPHIGIDIKSVRSKKTAKWNMQNGKVGTAHIIYNSVDKRLSAVVSYPNADSATVSYDVD
LDNVLPEWVRVGLSASTGLYKETNTILSWSFTSKLKSNSTHETNALHFMFNQFSKDQKDLILQGDATTGTDGNLELTRVS
SNGSPQGSSVGRALFYAPVHIWESSAVVASFEATFTFLIKSPDSHPADGIAFFISNIDSSIPSGSTGRLLGLFPDAN
;
_entity_poly.pdbx_strand_id   A,B,C,D
#
# COMPACT_ATOMS: atom_id res chain seq x y z
N ALA A 1 3.35 27.55 -24.33
CA ALA A 1 2.92 27.73 -22.92
C ALA A 1 2.81 26.38 -22.19
N ASP A 2 1.96 26.33 -21.18
CA ASP A 2 1.75 25.12 -20.41
C ASP A 2 0.84 24.11 -21.11
N THR A 3 0.97 22.84 -20.73
CA THR A 3 0.15 21.75 -21.27
C THR A 3 -0.67 21.27 -20.09
N ILE A 4 -1.98 21.37 -20.19
CA ILE A 4 -2.87 20.99 -19.12
C ILE A 4 -3.89 19.92 -19.47
N VAL A 5 -4.02 18.95 -18.58
CA VAL A 5 -5.06 17.93 -18.72
C VAL A 5 -5.73 18.05 -17.35
N ALA A 6 -7.04 18.29 -17.37
CA ALA A 6 -7.79 18.47 -16.14
C ALA A 6 -9.19 17.90 -16.12
N VAL A 7 -9.66 17.67 -14.89
CA VAL A 7 -11.02 17.19 -14.63
C VAL A 7 -11.60 18.35 -13.83
N GLU A 8 -12.58 19.04 -14.39
CA GLU A 8 -13.17 20.15 -13.67
C GLU A 8 -14.50 19.83 -13.04
N LEU A 9 -14.73 20.45 -11.88
CA LEU A 9 -15.97 20.36 -11.15
C LEU A 9 -16.43 21.81 -11.35
N ASP A 10 -17.10 22.07 -12.47
CA ASP A 10 -17.53 23.43 -12.81
C ASP A 10 -18.88 23.77 -12.22
N THR A 11 -18.89 24.70 -11.30
CA THR A 11 -20.11 25.13 -10.63
C THR A 11 -20.93 26.21 -11.33
N TYR A 12 -20.30 26.97 -12.23
CA TYR A 12 -20.98 28.07 -12.90
C TYR A 12 -21.06 27.87 -14.42
N PRO A 13 -22.27 27.89 -14.98
CA PRO A 13 -22.38 27.69 -16.42
C PRO A 13 -22.07 28.94 -17.27
N ASN A 14 -20.94 28.92 -17.98
CA ASN A 14 -20.55 30.03 -18.87
C ASN A 14 -20.90 29.57 -20.28
N THR A 15 -22.17 29.67 -20.62
CA THR A 15 -22.61 29.24 -21.94
C THR A 15 -21.93 29.86 -23.16
N ASP A 16 -21.38 31.07 -23.05
CA ASP A 16 -20.68 31.72 -24.17
C ASP A 16 -19.52 30.88 -24.64
N ILE A 17 -18.90 30.18 -23.69
CA ILE A 17 -17.75 29.36 -24.00
C ILE A 17 -17.94 27.86 -24.10
N GLY A 18 -19.18 27.38 -24.16
CA GLY A 18 -19.37 25.95 -24.32
C GLY A 18 -19.98 25.19 -23.16
N ASP A 19 -19.90 25.75 -21.96
CA ASP A 19 -20.44 25.08 -20.80
C ASP A 19 -21.89 24.72 -21.01
N PRO A 20 -22.29 23.57 -20.44
CA PRO A 20 -23.71 23.22 -20.57
C PRO A 20 -24.41 24.16 -19.58
N SER A 21 -25.73 24.27 -19.66
CA SER A 21 -26.45 25.18 -18.77
C SER A 21 -26.69 24.73 -17.32
N TYR A 22 -25.73 24.05 -16.74
CA TYR A 22 -25.88 23.59 -15.36
C TYR A 22 -24.54 23.18 -14.80
N PRO A 23 -24.42 23.09 -13.46
CA PRO A 23 -23.14 22.67 -12.86
C PRO A 23 -22.78 21.32 -13.53
N HIS A 24 -21.49 21.06 -13.75
CA HIS A 24 -21.12 19.81 -14.41
C HIS A 24 -19.68 19.47 -14.16
N ILE A 25 -19.30 18.25 -14.53
CA ILE A 25 -17.92 17.85 -14.38
C ILE A 25 -17.48 17.63 -15.81
N GLY A 26 -16.21 17.87 -16.09
CA GLY A 26 -15.74 17.68 -17.44
C GLY A 26 -14.27 17.35 -17.51
N ILE A 27 -13.86 16.88 -18.68
CA ILE A 27 -12.47 16.53 -18.91
C ILE A 27 -11.94 17.54 -19.93
N ASP A 28 -10.93 18.29 -19.51
CA ASP A 28 -10.32 19.33 -20.33
C ASP A 28 -8.95 18.93 -20.82
N ILE A 29 -8.74 19.00 -22.14
CA ILE A 29 -7.45 18.68 -22.72
C ILE A 29 -6.98 19.92 -23.45
N LYS A 30 -6.04 20.63 -22.83
CA LYS A 30 -5.43 21.82 -23.39
C LYS A 30 -6.39 22.98 -23.69
N SER A 31 -7.59 22.92 -23.13
CA SER A 31 -8.59 23.97 -23.36
C SER A 31 -9.67 23.90 -22.30
N VAL A 32 -10.24 25.07 -21.96
CA VAL A 32 -11.31 25.14 -20.97
C VAL A 32 -12.60 24.59 -21.56
N ARG A 33 -12.67 24.48 -22.88
CA ARG A 33 -13.87 23.93 -23.51
C ARG A 33 -13.78 22.40 -23.45
N SER A 34 -14.39 21.82 -22.43
CA SER A 34 -14.38 20.38 -22.17
C SER A 34 -14.69 19.47 -23.35
N LYS A 35 -13.94 18.37 -23.45
CA LYS A 35 -14.12 17.39 -24.51
C LYS A 35 -15.38 16.60 -24.22
N LYS A 36 -15.65 16.40 -22.94
CA LYS A 36 -16.82 15.66 -22.49
C LYS A 36 -17.26 16.19 -21.12
N THR A 37 -18.57 16.33 -20.93
CA THR A 37 -19.12 16.81 -19.65
C THR A 37 -20.27 15.90 -19.21
N ALA A 38 -20.68 16.05 -17.95
CA ALA A 38 -21.79 15.30 -17.38
C ALA A 38 -22.44 16.21 -16.33
N LYS A 39 -23.77 16.19 -16.27
CA LYS A 39 -24.54 16.98 -15.33
C LYS A 39 -24.12 16.63 -13.91
N TRP A 40 -23.92 17.63 -13.08
CA TRP A 40 -23.48 17.40 -11.72
C TRP A 40 -24.38 18.11 -10.74
N ASN A 41 -25.10 17.34 -9.93
CA ASN A 41 -25.98 17.91 -8.94
C ASN A 41 -25.20 18.37 -7.73
N MET A 42 -24.49 19.50 -7.88
CA MET A 42 -23.69 20.06 -6.79
C MET A 42 -24.60 20.41 -5.60
N GLN A 43 -24.13 20.11 -4.40
CA GLN A 43 -24.89 20.42 -3.17
C GLN A 43 -24.13 21.43 -2.33
N ASN A 44 -24.67 22.63 -2.28
CA ASN A 44 -24.07 23.72 -1.55
C ASN A 44 -23.91 23.42 -0.06
N GLY A 45 -22.67 23.52 0.42
CA GLY A 45 -22.39 23.29 1.83
C GLY A 45 -22.16 21.86 2.27
N LYS A 46 -22.21 20.90 1.34
CA LYS A 46 -21.99 19.50 1.68
C LYS A 46 -20.59 19.04 1.28
N VAL A 47 -20.06 18.07 2.01
CA VAL A 47 -18.75 17.51 1.70
C VAL A 47 -18.89 16.43 0.63
N GLY A 48 -18.17 16.60 -0.47
CA GLY A 48 -18.20 15.64 -1.55
C GLY A 48 -16.85 14.99 -1.78
N THR A 49 -16.82 13.96 -2.62
CA THR A 49 -15.61 13.23 -2.93
C THR A 49 -15.44 13.12 -4.46
N ALA A 50 -14.21 13.34 -4.95
CA ALA A 50 -13.92 13.19 -6.37
C ALA A 50 -12.88 12.07 -6.48
N HIS A 51 -13.08 11.18 -7.44
CA HIS A 51 -12.20 10.05 -7.66
C HIS A 51 -11.81 10.04 -9.14
N ILE A 52 -10.52 10.12 -9.46
CA ILE A 52 -10.06 10.13 -10.84
C ILE A 52 -9.12 8.96 -11.11
N ILE A 53 -9.39 8.19 -12.16
CA ILE A 53 -8.56 7.04 -12.52
C ILE A 53 -8.15 7.01 -14.00
N TYR A 54 -6.99 6.44 -14.27
CA TYR A 54 -6.47 6.29 -15.62
C TYR A 54 -5.47 5.15 -15.65
N ASN A 55 -5.44 4.40 -16.75
CA ASN A 55 -4.45 3.34 -16.93
C ASN A 55 -4.08 3.33 -18.42
N SER A 56 -2.83 3.02 -18.74
CA SER A 56 -2.39 3.05 -20.12
C SER A 56 -2.82 1.87 -21.02
N VAL A 57 -3.50 0.88 -20.45
CA VAL A 57 -3.98 -0.27 -21.23
C VAL A 57 -5.27 0.12 -21.91
N ASP A 58 -6.22 0.66 -21.15
CA ASP A 58 -7.51 1.10 -21.67
C ASP A 58 -7.41 2.49 -22.28
N LYS A 59 -6.46 3.29 -21.79
CA LYS A 59 -6.25 4.68 -22.26
C LYS A 59 -7.54 5.48 -22.15
N ARG A 60 -8.14 5.43 -20.97
CA ARG A 60 -9.39 6.11 -20.67
C ARG A 60 -9.30 6.88 -19.35
N LEU A 61 -9.62 8.16 -19.38
CA LEU A 61 -9.58 8.99 -18.16
C LEU A 61 -11.02 9.06 -17.69
N SER A 62 -11.26 8.60 -16.46
CA SER A 62 -12.59 8.61 -15.86
C SER A 62 -12.60 9.33 -14.52
N ALA A 63 -13.74 9.92 -14.18
CA ALA A 63 -13.87 10.61 -12.90
C ALA A 63 -15.27 10.38 -12.38
N VAL A 64 -15.39 10.19 -11.07
CA VAL A 64 -16.68 10.02 -10.41
C VAL A 64 -16.70 11.08 -9.30
N VAL A 65 -17.79 11.84 -9.22
CA VAL A 65 -17.94 12.87 -8.19
C VAL A 65 -19.26 12.59 -7.50
N SER A 66 -19.24 12.51 -6.18
CA SER A 66 -20.47 12.23 -5.44
C SER A 66 -20.50 12.71 -4.00
N TYR A 67 -21.69 12.63 -3.41
CA TYR A 67 -21.95 13.02 -2.03
C TYR A 67 -22.56 11.78 -1.37
N PRO A 68 -22.29 11.58 -0.08
CA PRO A 68 -22.86 10.42 0.61
C PRO A 68 -24.38 10.35 0.47
N ASN A 69 -24.89 9.17 0.11
CA ASN A 69 -26.33 8.95 -0.06
C ASN A 69 -26.97 9.66 -1.24
N ALA A 70 -26.16 10.06 -2.21
CA ALA A 70 -26.70 10.71 -3.39
C ALA A 70 -26.13 9.97 -4.62
N ASP A 71 -26.75 10.22 -5.78
CA ASP A 71 -26.30 9.63 -7.04
C ASP A 71 -24.94 10.20 -7.40
N SER A 72 -24.15 9.44 -8.12
CA SER A 72 -22.88 9.99 -8.52
C SER A 72 -22.96 10.48 -9.96
N ALA A 73 -22.01 11.33 -10.31
CA ALA A 73 -21.89 11.87 -11.66
C ALA A 73 -20.60 11.30 -12.18
N THR A 74 -20.65 10.72 -13.38
CA THR A 74 -19.50 10.09 -14.00
C THR A 74 -19.22 10.68 -15.38
N VAL A 75 -17.95 10.75 -15.74
CA VAL A 75 -17.54 11.26 -17.06
C VAL A 75 -16.26 10.53 -17.44
N SER A 76 -16.20 10.06 -18.68
CA SER A 76 -15.05 9.31 -19.20
C SER A 76 -14.65 9.85 -20.55
N TYR A 77 -13.36 9.72 -20.89
CA TYR A 77 -12.88 10.16 -22.19
C TYR A 77 -11.65 9.35 -22.57
N ASP A 78 -11.64 8.86 -23.81
CA ASP A 78 -10.51 8.10 -24.30
C ASP A 78 -9.43 9.06 -24.74
N VAL A 79 -8.28 8.96 -24.08
CA VAL A 79 -7.16 9.81 -24.38
C VAL A 79 -5.89 9.06 -24.01
N ASP A 80 -4.92 9.08 -24.91
CA ASP A 80 -3.64 8.45 -24.64
C ASP A 80 -2.78 9.58 -24.16
N LEU A 81 -2.51 9.62 -22.86
CA LEU A 81 -1.71 10.68 -22.27
C LEU A 81 -0.31 10.86 -22.84
N ASP A 82 0.25 9.84 -23.49
CA ASP A 82 1.59 9.90 -24.10
C ASP A 82 1.65 10.94 -25.22
N ASN A 83 0.52 11.18 -25.87
CA ASN A 83 0.42 12.11 -27.00
C ASN A 83 0.17 13.56 -26.63
N VAL A 84 -0.15 13.80 -25.37
CA VAL A 84 -0.46 15.15 -24.90
C VAL A 84 0.53 15.70 -23.89
N LEU A 85 0.84 14.92 -22.87
CA LEU A 85 1.74 15.35 -21.81
C LEU A 85 3.16 14.86 -21.94
N PRO A 86 4.10 15.57 -21.27
CA PRO A 86 5.51 15.16 -21.30
C PRO A 86 5.62 13.95 -20.35
N GLU A 87 6.72 13.20 -20.37
CA GLU A 87 6.75 12.06 -19.47
C GLU A 87 6.88 12.37 -17.98
N TRP A 88 7.34 13.58 -17.64
CA TRP A 88 7.42 14.00 -16.25
C TRP A 88 6.45 15.17 -16.12
N VAL A 89 5.65 15.16 -15.05
CA VAL A 89 4.65 16.20 -14.83
C VAL A 89 4.53 16.51 -13.33
N ARG A 90 3.71 17.50 -13.03
CA ARG A 90 3.37 17.81 -11.64
C ARG A 90 1.86 17.70 -11.58
N VAL A 91 1.33 17.19 -10.47
CA VAL A 91 -0.12 17.09 -10.30
C VAL A 91 -0.59 18.11 -9.25
N GLY A 92 -1.80 18.61 -9.42
CA GLY A 92 -2.29 19.59 -8.49
C GLY A 92 -3.78 19.80 -8.50
N LEU A 93 -4.21 20.75 -7.69
CA LEU A 93 -5.60 21.15 -7.56
C LEU A 93 -5.64 22.66 -7.82
N SER A 94 -6.67 23.12 -8.51
CA SER A 94 -6.85 24.52 -8.87
C SER A 94 -8.29 24.94 -8.60
N ALA A 95 -8.52 26.23 -8.35
CA ALA A 95 -9.87 26.74 -8.13
C ALA A 95 -9.90 28.23 -8.34
N SER A 96 -11.09 28.76 -8.60
CA SER A 96 -11.24 30.18 -8.82
C SER A 96 -12.66 30.63 -8.50
N THR A 97 -12.80 31.94 -8.44
CA THR A 97 -14.07 32.63 -8.20
C THR A 97 -13.99 33.83 -9.15
N GLY A 98 -15.11 34.49 -9.41
CA GLY A 98 -15.13 35.66 -10.29
C GLY A 98 -16.09 36.67 -9.71
N LEU A 99 -17.18 36.96 -10.42
CA LEU A 99 -18.20 37.88 -9.91
C LEU A 99 -18.93 37.12 -8.77
N TYR A 100 -19.23 35.85 -9.00
CA TYR A 100 -19.88 35.01 -7.99
C TYR A 100 -18.77 34.28 -7.27
N LYS A 101 -19.05 33.68 -6.12
CA LYS A 101 -17.98 32.98 -5.44
C LYS A 101 -18.40 31.79 -4.58
N GLU A 102 -17.40 31.14 -3.98
CA GLU A 102 -17.63 29.97 -3.16
C GLU A 102 -16.34 29.65 -2.45
N THR A 103 -16.41 28.88 -1.38
CA THR A 103 -15.20 28.44 -0.70
C THR A 103 -14.77 27.26 -1.56
N ASN A 104 -13.47 27.09 -1.72
CA ASN A 104 -12.94 26.02 -2.53
C ASN A 104 -12.02 25.26 -1.59
N THR A 105 -12.64 24.65 -0.58
CA THR A 105 -11.95 23.93 0.50
C THR A 105 -11.64 22.46 0.25
N ILE A 106 -10.38 22.10 0.38
CA ILE A 106 -9.95 20.70 0.17
C ILE A 106 -9.70 20.11 1.55
N LEU A 107 -10.39 19.01 1.87
CA LEU A 107 -10.23 18.38 3.18
C LEU A 107 -9.25 17.23 3.17
N SER A 108 -9.10 16.60 2.01
CA SER A 108 -8.17 15.49 1.88
C SER A 108 -7.78 15.33 0.42
N TRP A 109 -6.62 14.74 0.18
CA TRP A 109 -6.14 14.53 -1.17
C TRP A 109 -5.14 13.39 -1.18
N SER A 110 -5.39 12.38 -2.02
CA SER A 110 -4.42 11.31 -2.14
C SER A 110 -4.19 11.02 -3.62
N PHE A 111 -3.00 10.51 -3.90
CA PHE A 111 -2.62 10.21 -5.26
C PHE A 111 -1.67 9.04 -5.27
N THR A 112 -1.86 8.15 -6.24
CA THR A 112 -1.02 6.98 -6.38
C THR A 112 -0.69 6.82 -7.87
N SER A 113 0.60 6.66 -8.17
CA SER A 113 1.08 6.47 -9.55
C SER A 113 1.97 5.22 -9.58
N LYS A 114 1.88 4.43 -10.65
CA LYS A 114 2.70 3.24 -10.84
C LYS A 114 3.12 3.09 -12.30
N LEU A 115 4.37 2.70 -12.53
CA LEU A 115 4.91 2.52 -13.87
C LEU A 115 5.70 1.22 -13.84
N LYS A 116 5.34 0.28 -14.72
CA LYS A 116 6.04 -1.01 -14.79
C LYS A 116 6.92 -1.00 -16.04
N SER A 117 8.22 -1.26 -15.89
CA SER A 117 9.12 -1.26 -17.03
C SER A 117 9.05 -2.52 -17.91
N ASN A 118 9.34 -2.34 -19.20
CA ASN A 118 9.33 -3.44 -20.18
C ASN A 118 10.62 -4.19 -20.05
N SER A 119 11.68 -3.42 -19.90
CA SER A 119 13.02 -3.90 -19.81
C SER A 119 13.21 -4.82 -18.60
N THR A 120 12.44 -4.58 -17.55
CA THR A 120 12.60 -5.35 -16.32
C THR A 120 11.35 -6.00 -15.70
N HIS A 121 10.22 -5.36 -15.87
CA HIS A 121 8.94 -5.83 -15.33
C HIS A 121 8.78 -5.57 -13.83
N GLU A 122 9.50 -4.55 -13.39
CA GLU A 122 9.47 -4.07 -12.04
C GLU A 122 8.85 -2.69 -12.02
N THR A 123 8.15 -2.42 -10.94
CA THR A 123 7.40 -1.20 -10.77
C THR A 123 8.05 -0.08 -9.94
N ASN A 124 7.88 1.12 -10.45
CA ASN A 124 8.31 2.33 -9.79
C ASN A 124 6.94 2.92 -9.39
N ALA A 125 6.83 3.41 -8.16
CA ALA A 125 5.56 3.93 -7.68
C ALA A 125 5.73 5.13 -6.79
N LEU A 126 4.67 5.92 -6.73
CA LEU A 126 4.62 7.11 -5.90
C LEU A 126 3.24 7.19 -5.26
N HIS A 127 3.20 7.43 -3.96
CA HIS A 127 1.94 7.59 -3.24
C HIS A 127 2.04 8.65 -2.16
N PHE A 128 1.05 9.53 -2.11
CA PHE A 128 0.97 10.53 -1.06
C PHE A 128 -0.49 10.67 -0.61
N MET A 129 -0.67 10.90 0.67
CA MET A 129 -2.00 11.08 1.22
C MET A 129 -1.97 12.20 2.24
N PHE A 130 -2.84 13.17 2.04
CA PHE A 130 -2.94 14.29 2.96
C PHE A 130 -4.35 14.24 3.53
N ASN A 131 -4.46 14.06 4.84
CA ASN A 131 -5.77 14.09 5.49
C ASN A 131 -5.82 15.33 6.39
N GLN A 132 -4.67 15.97 6.54
CA GLN A 132 -4.49 17.18 7.35
C GLN A 132 -3.45 18.03 6.66
N PHE A 133 -3.71 19.33 6.56
CA PHE A 133 -2.76 20.23 5.95
C PHE A 133 -2.27 21.15 7.05
N SER A 134 -0.96 21.27 7.19
CA SER A 134 -0.41 22.12 8.22
C SER A 134 -0.09 23.52 7.70
N LYS A 135 0.05 24.48 8.61
CA LYS A 135 0.33 25.87 8.25
C LYS A 135 1.62 26.05 7.43
N ASP A 136 2.52 25.08 7.53
CA ASP A 136 3.76 25.13 6.75
C ASP A 136 3.98 23.74 6.10
N GLN A 137 3.18 23.46 5.08
CA GLN A 137 3.20 22.21 4.33
C GLN A 137 4.28 22.32 3.25
N LYS A 138 5.51 21.94 3.61
CA LYS A 138 6.63 22.07 2.69
C LYS A 138 6.66 21.21 1.44
N ASP A 139 5.80 20.20 1.38
CA ASP A 139 5.74 19.34 0.21
C ASP A 139 4.68 19.75 -0.80
N LEU A 140 4.10 20.92 -0.60
CA LEU A 140 3.13 21.47 -1.53
C LEU A 140 3.65 22.80 -2.07
N ILE A 141 3.45 23.05 -3.37
CA ILE A 141 3.83 24.33 -3.94
C ILE A 141 2.51 25.09 -4.04
N LEU A 142 2.34 26.12 -3.22
CA LEU A 142 1.12 26.92 -3.22
C LEU A 142 1.27 28.10 -4.15
N GLN A 143 0.29 28.29 -5.01
CA GLN A 143 0.33 29.37 -5.98
C GLN A 143 -0.91 30.25 -5.85
N GLY A 144 -0.76 31.55 -6.14
CA GLY A 144 -1.90 32.46 -6.05
C GLY A 144 -2.43 32.63 -4.65
N ASP A 145 -3.76 32.58 -4.51
CA ASP A 145 -4.40 32.75 -3.21
C ASP A 145 -4.51 31.53 -2.29
N ALA A 146 -3.99 30.39 -2.73
CA ALA A 146 -4.07 29.17 -1.93
C ALA A 146 -3.31 29.25 -0.60
N THR A 147 -3.93 28.76 0.48
CA THR A 147 -3.29 28.72 1.81
C THR A 147 -3.68 27.42 2.53
N THR A 148 -2.89 27.03 3.52
CA THR A 148 -3.16 25.83 4.29
C THR A 148 -3.15 26.13 5.78
N GLY A 149 -3.53 25.14 6.59
CA GLY A 149 -3.50 25.32 8.03
C GLY A 149 -4.81 25.64 8.75
N THR A 150 -5.67 26.39 8.07
CA THR A 150 -6.98 26.77 8.63
C THR A 150 -7.84 25.53 8.86
N ASP A 151 -7.97 25.14 10.13
CA ASP A 151 -8.74 23.96 10.52
C ASP A 151 -8.12 22.69 9.94
N GLY A 152 -6.87 22.79 9.48
CA GLY A 152 -6.21 21.65 8.89
C GLY A 152 -6.64 21.43 7.45
N ASN A 153 -7.23 22.45 6.84
CA ASN A 153 -7.73 22.36 5.47
C ASN A 153 -6.88 23.17 4.50
N LEU A 154 -7.07 22.91 3.22
CA LEU A 154 -6.39 23.62 2.15
C LEU A 154 -7.45 24.51 1.50
N GLU A 155 -7.28 25.82 1.55
CA GLU A 155 -8.22 26.76 0.95
C GLU A 155 -7.60 27.22 -0.36
N LEU A 156 -8.16 26.76 -1.47
CA LEU A 156 -7.59 27.13 -2.76
C LEU A 156 -7.80 28.60 -3.09
N THR A 157 -8.93 29.14 -2.70
CA THR A 157 -9.24 30.53 -2.97
C THR A 157 -9.42 31.32 -1.68
N ARG A 158 -9.30 32.64 -1.81
CA ARG A 158 -9.38 33.54 -0.68
C ARG A 158 -10.67 33.51 0.14
N VAL A 159 -10.51 33.34 1.45
CA VAL A 159 -11.64 33.31 2.39
C VAL A 159 -11.31 34.40 3.43
N SER A 160 -12.30 35.23 3.78
CA SER A 160 -12.03 36.29 4.75
C SER A 160 -11.89 35.77 6.17
N SER A 161 -11.47 36.65 7.08
CA SER A 161 -11.28 36.31 8.49
C SER A 161 -12.48 35.57 9.09
N ASN A 162 -13.68 36.02 8.74
CA ASN A 162 -14.93 35.43 9.24
C ASN A 162 -15.51 34.21 8.50
N GLY A 163 -14.75 33.65 7.56
CA GLY A 163 -15.22 32.47 6.83
C GLY A 163 -15.95 32.70 5.51
N SER A 164 -16.06 33.95 5.08
CA SER A 164 -16.75 34.28 3.82
C SER A 164 -15.81 34.30 2.60
N PRO A 165 -16.21 33.62 1.51
CA PRO A 165 -15.41 33.56 0.27
C PRO A 165 -15.39 34.90 -0.47
N GLN A 166 -14.26 35.19 -1.10
CA GLN A 166 -14.06 36.43 -1.86
C GLN A 166 -14.17 36.17 -3.37
N GLY A 167 -14.48 37.22 -4.12
CA GLY A 167 -14.54 37.11 -5.56
C GLY A 167 -13.18 37.39 -6.20
N SER A 168 -13.08 37.15 -7.50
CA SER A 168 -11.85 37.36 -8.26
C SER A 168 -10.62 36.77 -7.56
N SER A 169 -10.73 35.51 -7.15
CA SER A 169 -9.63 34.83 -6.48
C SER A 169 -9.24 33.61 -7.33
N VAL A 170 -7.99 33.19 -7.22
CA VAL A 170 -7.50 32.04 -7.96
C VAL A 170 -6.32 31.47 -7.17
N GLY A 171 -6.24 30.15 -7.08
CA GLY A 171 -5.15 29.54 -6.34
C GLY A 171 -4.98 28.09 -6.71
N ARG A 172 -3.77 27.57 -6.54
CA ARG A 172 -3.48 26.17 -6.83
C ARG A 172 -2.50 25.60 -5.81
N ALA A 173 -2.47 24.27 -5.74
CA ALA A 173 -1.56 23.57 -4.87
C ALA A 173 -1.01 22.42 -5.70
N LEU A 174 0.31 22.29 -5.77
CA LEU A 174 0.92 21.21 -6.52
C LEU A 174 1.83 20.38 -5.62
N PHE A 175 1.87 19.07 -5.82
CA PHE A 175 2.78 18.25 -5.02
C PHE A 175 4.19 18.62 -5.45
N TYR A 176 5.07 18.77 -4.47
CA TYR A 176 6.44 19.19 -4.71
C TYR A 176 7.26 18.34 -5.70
N ALA A 177 7.20 17.02 -5.59
CA ALA A 177 7.97 16.18 -6.48
C ALA A 177 7.34 15.92 -7.84
N PRO A 178 8.15 15.90 -8.93
CA PRO A 178 7.65 15.64 -10.28
C PRO A 178 7.19 14.19 -10.27
N VAL A 179 6.28 13.85 -11.17
CA VAL A 179 5.72 12.51 -11.27
C VAL A 179 5.99 11.92 -12.65
N HIS A 180 6.49 10.69 -12.69
CA HIS A 180 6.75 10.02 -13.97
C HIS A 180 5.43 9.37 -14.40
N ILE A 181 4.70 10.05 -15.27
CA ILE A 181 3.39 9.57 -15.74
C ILE A 181 3.41 8.57 -16.90
N TRP A 182 4.48 8.56 -17.69
CA TRP A 182 4.57 7.60 -18.78
C TRP A 182 5.98 7.39 -19.29
N GLU A 183 6.18 6.26 -19.98
CA GLU A 183 7.47 5.90 -20.55
C GLU A 183 7.22 5.01 -21.76
N SER A 184 8.10 5.11 -22.75
CA SER A 184 7.99 4.33 -23.99
C SER A 184 8.01 2.84 -23.72
N SER A 185 8.92 2.45 -22.83
CA SER A 185 9.12 1.06 -22.43
C SER A 185 8.22 0.60 -21.28
N ALA A 186 7.05 1.21 -21.14
CA ALA A 186 6.17 0.81 -20.06
C ALA A 186 5.15 -0.23 -20.49
N VAL A 187 5.02 -1.28 -19.67
CA VAL A 187 4.08 -2.38 -19.86
C VAL A 187 2.71 -1.85 -19.41
N VAL A 188 2.70 -1.20 -18.25
CA VAL A 188 1.48 -0.62 -17.70
C VAL A 188 1.87 0.60 -16.85
N ALA A 189 1.03 1.62 -16.88
CA ALA A 189 1.22 2.85 -16.12
C ALA A 189 -0.20 3.24 -15.72
N SER A 190 -0.38 3.61 -14.46
CA SER A 190 -1.70 4.02 -14.03
C SER A 190 -1.61 4.98 -12.85
N PHE A 191 -2.65 5.77 -12.67
CA PHE A 191 -2.68 6.67 -11.53
C PHE A 191 -4.11 6.74 -11.02
N GLU A 192 -4.26 7.11 -9.76
CA GLU A 192 -5.54 7.23 -9.14
C GLU A 192 -5.43 8.41 -8.19
N ALA A 193 -6.39 9.33 -8.30
CA ALA A 193 -6.41 10.52 -7.45
C ALA A 193 -7.78 10.62 -6.77
N THR A 194 -7.76 10.98 -5.49
CA THR A 194 -8.98 11.12 -4.70
C THR A 194 -8.84 12.38 -3.85
N PHE A 195 -9.93 13.15 -3.73
CA PHE A 195 -9.92 14.33 -2.86
C PHE A 195 -11.34 14.63 -2.39
N THR A 196 -11.46 15.12 -1.15
CA THR A 196 -12.76 15.50 -0.60
C THR A 196 -12.79 17.03 -0.55
N PHE A 197 -13.93 17.60 -0.91
CA PHE A 197 -14.05 19.04 -0.98
C PHE A 197 -15.32 19.57 -0.31
N LEU A 198 -15.33 20.86 -0.04
CA LEU A 198 -16.46 21.52 0.58
C LEU A 198 -16.67 22.84 -0.16
N ILE A 199 -17.69 22.88 -1.02
CA ILE A 199 -18.02 24.07 -1.77
C ILE A 199 -19.25 24.69 -1.08
N LYS A 200 -19.07 25.89 -0.53
CA LYS A 200 -20.14 26.57 0.18
C LYS A 200 -20.22 27.99 -0.34
N SER A 201 -21.43 28.46 -0.58
CA SER A 201 -21.59 29.79 -1.12
C SER A 201 -22.75 30.52 -0.49
N PRO A 202 -22.55 31.82 -0.17
CA PRO A 202 -23.62 32.62 0.44
C PRO A 202 -24.63 33.10 -0.62
N ASP A 203 -24.13 33.42 -1.83
CA ASP A 203 -25.00 33.89 -2.92
C ASP A 203 -25.73 32.80 -3.74
N SER A 204 -26.75 33.23 -4.49
CA SER A 204 -27.60 32.34 -5.29
C SER A 204 -26.86 31.43 -6.28
N HIS A 205 -25.73 31.91 -6.81
CA HIS A 205 -24.96 31.14 -7.77
C HIS A 205 -23.51 30.98 -7.37
N PRO A 206 -23.11 29.76 -6.96
CA PRO A 206 -21.71 29.54 -6.59
C PRO A 206 -20.87 29.54 -7.86
N ALA A 207 -19.62 29.98 -7.76
CA ALA A 207 -18.70 30.00 -8.89
C ALA A 207 -17.28 30.05 -8.31
N ASP A 208 -16.26 29.61 -9.05
CA ASP A 208 -16.40 29.06 -10.39
C ASP A 208 -16.12 27.58 -10.49
N GLY A 209 -15.39 27.03 -9.53
CA GLY A 209 -15.14 25.61 -9.58
C GLY A 209 -13.76 25.17 -9.09
N ILE A 210 -13.57 23.85 -9.06
CA ILE A 210 -12.32 23.23 -8.64
C ILE A 210 -11.88 22.28 -9.76
N ALA A 211 -10.58 22.12 -9.94
CA ALA A 211 -10.08 21.20 -10.94
C ALA A 211 -8.87 20.44 -10.44
N PHE A 212 -8.81 19.16 -10.79
CA PHE A 212 -7.63 18.35 -10.50
C PHE A 212 -6.89 18.49 -11.86
N PHE A 213 -5.60 18.76 -11.85
CA PHE A 213 -4.92 18.90 -13.13
C PHE A 213 -3.55 18.25 -13.14
N ILE A 214 -3.06 18.01 -14.36
CA ILE A 214 -1.74 17.43 -14.59
C ILE A 214 -1.10 18.39 -15.56
N SER A 215 0.13 18.79 -15.28
CA SER A 215 0.77 19.75 -16.17
C SER A 215 2.26 19.54 -16.28
N ASN A 216 2.90 20.38 -17.09
CA ASN A 216 4.34 20.35 -17.23
C ASN A 216 4.85 20.78 -15.85
N ILE A 217 6.02 20.28 -15.49
CA ILE A 217 6.62 20.56 -14.19
C ILE A 217 6.69 22.01 -13.72
N ASP A 218 7.01 22.94 -14.61
CA ASP A 218 7.17 24.34 -14.23
C ASP A 218 5.93 25.23 -14.43
N SER A 219 4.76 24.63 -14.50
CA SER A 219 3.53 25.36 -14.69
C SER A 219 3.25 26.37 -13.57
N SER A 220 2.74 27.54 -13.95
CA SER A 220 2.34 28.56 -12.98
C SER A 220 0.95 29.07 -13.37
N ILE A 221 0.27 29.75 -12.47
CA ILE A 221 -1.07 30.27 -12.77
C ILE A 221 -0.99 31.30 -13.89
N PRO A 222 -1.85 31.14 -14.93
CA PRO A 222 -1.79 32.13 -16.01
C PRO A 222 -2.40 33.41 -15.44
N SER A 223 -1.78 34.55 -15.71
CA SER A 223 -2.29 35.81 -15.19
C SER A 223 -3.70 36.05 -15.70
N GLY A 224 -4.56 36.53 -14.82
CA GLY A 224 -5.94 36.84 -15.18
C GLY A 224 -6.85 35.65 -15.30
N SER A 225 -6.40 34.47 -14.88
CA SER A 225 -7.22 33.26 -15.01
C SER A 225 -8.24 33.04 -13.89
N THR A 226 -8.81 34.13 -13.37
CA THR A 226 -9.84 34.04 -12.34
C THR A 226 -11.12 33.71 -13.13
N GLY A 227 -12.23 33.57 -12.41
CA GLY A 227 -13.49 33.30 -13.05
C GLY A 227 -13.55 31.99 -13.80
N ARG A 228 -14.14 32.02 -14.98
CA ARG A 228 -14.35 30.87 -15.85
C ARG A 228 -13.09 30.07 -16.25
N LEU A 229 -11.92 30.68 -16.15
CA LEU A 229 -10.67 30.03 -16.55
C LEU A 229 -10.07 29.05 -15.54
N LEU A 230 -10.71 28.97 -14.38
CA LEU A 230 -10.35 28.04 -13.31
C LEU A 230 -8.87 27.96 -12.91
N GLY A 231 -8.14 29.06 -13.05
CA GLY A 231 -6.73 29.05 -12.72
C GLY A 231 -5.88 28.13 -13.57
N LEU A 232 -6.43 27.70 -14.71
CA LEU A 232 -5.71 26.78 -15.59
C LEU A 232 -5.36 27.27 -16.96
N PHE A 233 -6.22 28.09 -17.56
CA PHE A 233 -5.97 28.56 -18.92
C PHE A 233 -5.84 30.07 -19.06
N PRO A 234 -5.01 30.52 -20.02
CA PRO A 234 -4.80 31.96 -20.27
C PRO A 234 -5.96 32.58 -21.03
N ASP A 235 -6.72 31.76 -21.73
CA ASP A 235 -7.86 32.25 -22.52
C ASP A 235 -8.94 31.19 -22.65
N ALA A 236 -10.05 31.56 -23.28
CA ALA A 236 -11.17 30.65 -23.46
C ALA A 236 -11.24 29.96 -24.83
N ASN A 237 -10.13 29.84 -25.53
CA ASN A 237 -10.13 29.17 -26.84
C ASN A 237 -10.18 27.66 -26.72
N ALA B 1 25.79 24.21 10.55
CA ALA B 1 25.80 23.44 9.28
C ALA B 1 24.59 22.51 9.14
N ASP B 2 24.83 21.30 8.63
CA ASP B 2 23.77 20.31 8.45
C ASP B 2 23.54 19.45 9.67
N THR B 3 22.32 18.92 9.80
CA THR B 3 21.98 18.02 10.89
C THR B 3 21.84 16.68 10.19
N ILE B 4 22.61 15.70 10.63
CA ILE B 4 22.57 14.39 9.99
C ILE B 4 22.32 13.24 10.95
N VAL B 5 21.42 12.34 10.54
CA VAL B 5 21.14 11.10 11.27
C VAL B 5 21.35 10.09 10.14
N ALA B 6 22.15 9.06 10.38
CA ALA B 6 22.41 8.10 9.31
C ALA B 6 22.69 6.71 9.79
N VAL B 7 22.49 5.77 8.90
CA VAL B 7 22.78 4.38 9.16
C VAL B 7 23.87 4.04 8.14
N GLU B 8 25.07 3.74 8.64
CA GLU B 8 26.19 3.41 7.76
C GLU B 8 26.51 1.94 7.59
N LEU B 9 26.90 1.61 6.38
CA LEU B 9 27.33 0.27 5.99
C LEU B 9 28.82 0.56 5.74
N ASP B 10 29.58 0.63 6.82
CA ASP B 10 31.00 0.95 6.73
C ASP B 10 31.91 -0.22 6.39
N THR B 11 32.44 -0.19 5.17
CA THR B 11 33.30 -1.25 4.69
C THR B 11 34.79 -1.16 5.04
N TYR B 12 35.26 0.03 5.42
CA TYR B 12 36.67 0.25 5.75
C TYR B 12 36.89 0.72 7.18
N PRO B 13 37.67 -0.02 7.97
CA PRO B 13 37.91 0.40 9.36
C PRO B 13 38.95 1.50 9.57
N ASN B 14 38.49 2.70 9.95
CA ASN B 14 39.38 3.83 10.23
C ASN B 14 39.46 3.90 11.76
N THR B 15 40.32 3.07 12.35
CA THR B 15 40.47 3.03 13.81
C THR B 15 40.93 4.31 14.47
N ASP B 16 41.46 5.24 13.69
CA ASP B 16 41.90 6.53 14.21
C ASP B 16 40.69 7.29 14.70
N ILE B 17 39.57 7.11 14.01
CA ILE B 17 38.35 7.81 14.36
C ILE B 17 37.22 7.00 15.02
N GLY B 18 37.59 5.97 15.78
CA GLY B 18 36.57 5.20 16.47
C GLY B 18 36.05 3.93 15.85
N ASP B 19 36.35 3.73 14.57
CA ASP B 19 35.83 2.56 13.90
C ASP B 19 36.38 1.29 14.51
N PRO B 20 35.54 0.27 14.62
CA PRO B 20 36.03 -0.98 15.18
C PRO B 20 36.93 -1.55 14.06
N SER B 21 37.78 -2.52 14.36
CA SER B 21 38.68 -3.05 13.31
C SER B 21 38.15 -4.11 12.33
N TYR B 22 36.95 -3.90 11.79
CA TYR B 22 36.31 -4.81 10.83
C TYR B 22 35.14 -4.07 10.20
N PRO B 23 34.65 -4.54 9.04
CA PRO B 23 33.51 -3.91 8.39
C PRO B 23 32.35 -3.95 9.39
N HIS B 24 31.48 -2.93 9.38
CA HIS B 24 30.38 -2.87 10.33
C HIS B 24 29.25 -1.95 9.88
N ILE B 25 28.13 -2.02 10.58
CA ILE B 25 27.02 -1.12 10.28
C ILE B 25 26.91 -0.31 11.56
N GLY B 26 26.52 0.95 11.42
CA GLY B 26 26.44 1.78 12.60
C GLY B 26 25.39 2.86 12.49
N ILE B 27 25.06 3.43 13.64
CA ILE B 27 24.09 4.48 13.72
C ILE B 27 24.84 5.76 14.12
N ASP B 28 24.80 6.74 13.23
CA ASP B 28 25.51 8.01 13.39
C ASP B 28 24.54 9.13 13.67
N ILE B 29 24.70 9.79 14.81
CA ILE B 29 23.82 10.90 15.15
C ILE B 29 24.72 12.13 15.20
N LYS B 30 24.68 12.93 14.13
CA LYS B 30 25.44 14.16 14.02
C LYS B 30 26.96 14.02 14.09
N SER B 31 27.47 12.81 13.87
CA SER B 31 28.91 12.56 13.93
C SER B 31 29.24 11.24 13.26
N VAL B 32 30.40 11.18 12.60
CA VAL B 32 30.85 9.98 11.93
C VAL B 32 31.23 8.89 12.95
N ARG B 33 31.44 9.28 14.19
CA ARG B 33 31.78 8.29 15.22
C ARG B 33 30.47 7.76 15.75
N SER B 34 30.05 6.63 15.19
CA SER B 34 28.80 5.99 15.54
C SER B 34 28.51 5.84 17.03
N LYS B 35 27.23 5.93 17.38
CA LYS B 35 26.79 5.77 18.76
C LYS B 35 26.72 4.27 19.07
N LYS B 36 26.53 3.46 18.02
CA LYS B 36 26.43 2.02 18.16
C LYS B 36 26.80 1.34 16.84
N THR B 37 27.59 0.28 16.90
CA THR B 37 27.98 -0.47 15.70
C THR B 37 27.75 -1.96 15.90
N ALA B 38 27.85 -2.70 14.80
CA ALA B 38 27.69 -4.14 14.87
C ALA B 38 28.55 -4.73 13.76
N LYS B 39 29.25 -5.82 14.05
CA LYS B 39 30.10 -6.48 13.08
C LYS B 39 29.28 -6.85 11.83
N TRP B 40 29.83 -6.57 10.65
CA TRP B 40 29.15 -6.86 9.41
C TRP B 40 30.04 -7.67 8.47
N ASN B 41 29.60 -8.88 8.17
CA ASN B 41 30.35 -9.75 7.28
C ASN B 41 30.04 -9.36 5.82
N MET B 42 30.62 -8.26 5.38
CA MET B 42 30.41 -7.79 4.01
C MET B 42 30.85 -8.87 3.01
N GLN B 43 30.10 -9.02 1.92
CA GLN B 43 30.44 -10.00 0.91
C GLN B 43 30.68 -9.30 -0.42
N ASN B 44 31.94 -9.25 -0.79
CA ASN B 44 32.39 -8.61 -2.03
C ASN B 44 31.72 -9.20 -3.27
N GLY B 45 31.02 -8.36 -4.03
CA GLY B 45 30.37 -8.83 -5.24
C GLY B 45 28.96 -9.38 -5.18
N LYS B 46 28.40 -9.58 -3.98
CA LYS B 46 27.03 -10.10 -3.82
C LYS B 46 26.02 -8.95 -3.61
N VAL B 47 24.76 -9.18 -3.97
CA VAL B 47 23.73 -8.18 -3.77
C VAL B 47 23.13 -8.36 -2.37
N GLY B 48 23.12 -7.29 -1.59
CA GLY B 48 22.57 -7.37 -0.25
C GLY B 48 21.36 -6.45 -0.07
N THR B 49 20.70 -6.55 1.07
CA THR B 49 19.54 -5.73 1.38
C THR B 49 19.70 -5.07 2.74
N ALA B 50 19.29 -3.80 2.82
CA ALA B 50 19.33 -3.07 4.08
C ALA B 50 17.89 -2.62 4.39
N HIS B 51 17.48 -2.79 5.64
CA HIS B 51 16.15 -2.42 6.04
C HIS B 51 16.28 -1.58 7.31
N ILE B 52 15.77 -0.33 7.24
CA ILE B 52 15.85 0.61 8.35
C ILE B 52 14.44 0.96 8.85
N ILE B 53 14.24 0.87 10.17
CA ILE B 53 12.93 1.18 10.79
C ILE B 53 12.98 2.05 12.05
N TYR B 54 11.90 2.79 12.26
CA TYR B 54 11.76 3.69 13.41
C TYR B 54 10.29 3.97 13.66
N ASN B 55 9.92 4.14 14.93
CA ASN B 55 8.57 4.53 15.29
C ASN B 55 8.62 5.39 16.56
N SER B 56 7.72 6.37 16.63
CA SER B 56 7.64 7.31 17.74
C SER B 56 7.16 6.74 19.08
N VAL B 57 6.67 5.50 19.07
CA VAL B 57 6.20 4.85 20.29
C VAL B 57 7.40 4.29 21.03
N ASP B 58 8.21 3.50 20.33
CA ASP B 58 9.41 2.89 20.91
C ASP B 58 10.61 3.81 20.88
N LYS B 59 10.61 4.76 19.93
CA LYS B 59 11.72 5.73 19.75
C LYS B 59 13.08 5.03 19.67
N ARG B 60 13.12 4.03 18.81
CA ARG B 60 14.29 3.21 18.58
C ARG B 60 14.56 3.15 17.05
N LEU B 61 15.76 3.51 16.64
CA LEU B 61 16.13 3.44 15.22
C LEU B 61 16.85 2.10 15.06
N SER B 62 16.30 1.21 14.25
CA SER B 62 16.90 -0.10 14.04
C SER B 62 17.19 -0.40 12.56
N ALA B 63 18.23 -1.19 12.32
CA ALA B 63 18.60 -1.53 10.97
C ALA B 63 19.08 -2.98 10.88
N VAL B 64 18.76 -3.62 9.76
CA VAL B 64 19.19 -4.99 9.52
C VAL B 64 19.81 -5.02 8.14
N VAL B 65 20.96 -5.67 8.03
CA VAL B 65 21.62 -5.80 6.74
C VAL B 65 21.94 -7.28 6.54
N SER B 66 21.63 -7.80 5.36
CA SER B 66 21.91 -9.21 5.09
C SER B 66 22.05 -9.54 3.64
N TYR B 67 22.58 -10.73 3.39
CA TYR B 67 22.78 -11.30 2.07
C TYR B 67 21.96 -12.57 2.08
N PRO B 68 21.42 -12.96 0.93
CA PRO B 68 20.62 -14.17 0.82
C PRO B 68 21.37 -15.37 1.38
N ASN B 69 20.67 -16.17 2.18
CA ASN B 69 21.24 -17.37 2.81
C ASN B 69 22.40 -17.11 3.77
N ALA B 70 22.53 -15.87 4.24
CA ALA B 70 23.62 -15.54 5.15
C ALA B 70 23.09 -14.91 6.44
N ASP B 71 23.94 -14.86 7.46
CA ASP B 71 23.51 -14.25 8.72
C ASP B 71 23.31 -12.77 8.51
N SER B 72 22.41 -12.18 9.30
CA SER B 72 22.16 -10.76 9.16
C SER B 72 22.81 -10.03 10.31
N ALA B 73 23.12 -8.76 10.07
CA ALA B 73 23.72 -7.93 11.09
C ALA B 73 22.62 -6.95 11.49
N THR B 74 22.50 -6.69 12.77
CA THR B 74 21.47 -5.82 13.30
C THR B 74 22.10 -4.85 14.30
N VAL B 75 21.59 -3.63 14.30
CA VAL B 75 22.05 -2.58 15.20
C VAL B 75 20.84 -1.71 15.52
N SER B 76 20.69 -1.36 16.79
CA SER B 76 19.57 -0.53 17.26
C SER B 76 20.07 0.50 18.25
N TYR B 77 19.45 1.67 18.24
CA TYR B 77 19.82 2.72 19.16
C TYR B 77 18.60 3.55 19.52
N ASP B 78 18.37 3.75 20.81
CA ASP B 78 17.24 4.54 21.29
C ASP B 78 17.52 6.01 21.09
N VAL B 79 16.68 6.68 20.32
CA VAL B 79 16.88 8.09 20.03
C VAL B 79 15.55 8.75 19.70
N ASP B 80 15.27 9.89 20.32
CA ASP B 80 14.03 10.59 20.04
C ASP B 80 14.32 11.58 18.94
N LEU B 81 13.94 11.22 17.71
CA LEU B 81 14.20 12.06 16.56
C LEU B 81 13.65 13.49 16.66
N ASP B 82 12.66 13.72 17.51
CA ASP B 82 12.08 15.05 17.70
C ASP B 82 13.11 16.06 18.22
N ASN B 83 14.06 15.56 19.01
CA ASN B 83 15.10 16.40 19.62
C ASN B 83 16.32 16.64 18.75
N VAL B 84 16.47 15.81 17.72
CA VAL B 84 17.63 15.90 16.82
C VAL B 84 17.37 16.57 15.47
N LEU B 85 16.30 16.18 14.80
CA LEU B 85 16.02 16.72 13.46
C LEU B 85 14.94 17.76 13.35
N PRO B 86 15.01 18.60 12.31
CA PRO B 86 13.96 19.61 12.14
C PRO B 86 12.70 18.80 11.75
N GLU B 87 11.50 19.37 11.82
CA GLU B 87 10.34 18.56 11.46
C GLU B 87 10.21 18.20 9.97
N TRP B 88 10.78 19.02 9.10
CA TRP B 88 10.79 18.75 7.66
C TRP B 88 12.25 18.45 7.27
N VAL B 89 12.45 17.31 6.62
CA VAL B 89 13.78 16.85 6.21
C VAL B 89 13.79 16.28 4.80
N ARG B 90 14.96 15.84 4.34
CA ARG B 90 15.07 15.13 3.06
C ARG B 90 15.74 13.79 3.40
N VAL B 91 15.40 12.73 2.66
CA VAL B 91 16.01 11.43 2.89
C VAL B 91 16.84 11.06 1.67
N GLY B 92 17.95 10.38 1.90
CA GLY B 92 18.80 10.00 0.79
C GLY B 92 19.78 8.91 1.10
N LEU B 93 20.62 8.62 0.11
CA LEU B 93 21.68 7.63 0.14
C LEU B 93 22.99 8.36 -0.24
N SER B 94 24.07 8.02 0.43
CA SER B 94 25.38 8.63 0.20
C SER B 94 26.44 7.53 0.18
N ALA B 95 27.57 7.79 -0.50
CA ALA B 95 28.66 6.83 -0.56
C ALA B 95 29.95 7.54 -0.91
N SER B 96 31.07 6.88 -0.64
CA SER B 96 32.37 7.48 -0.95
C SER B 96 33.43 6.42 -1.07
N THR B 97 34.58 6.82 -1.62
CA THR B 97 35.75 5.97 -1.76
C THR B 97 36.90 6.89 -1.40
N GLY B 98 38.09 6.35 -1.21
CA GLY B 98 39.24 7.19 -0.86
C GLY B 98 40.45 6.59 -1.53
N LEU B 99 41.44 6.19 -0.73
CA LEU B 99 42.62 5.55 -1.28
C LEU B 99 42.17 4.20 -1.86
N TYR B 100 41.28 3.55 -1.13
CA TYR B 100 40.73 2.27 -1.58
C TYR B 100 39.35 2.56 -2.12
N LYS B 101 38.85 1.68 -2.98
CA LYS B 101 37.54 1.92 -3.56
C LYS B 101 36.67 0.68 -3.75
N GLU B 102 35.43 0.91 -4.20
CA GLU B 102 34.44 -0.15 -4.42
C GLU B 102 33.31 0.47 -5.21
N THR B 103 32.45 -0.35 -5.80
CA THR B 103 31.29 0.18 -6.51
C THR B 103 30.27 0.37 -5.38
N ASN B 104 29.45 1.41 -5.47
CA ASN B 104 28.43 1.66 -4.48
C ASN B 104 27.14 1.78 -5.28
N THR B 105 26.77 0.65 -5.87
CA THR B 105 25.61 0.50 -6.72
C THR B 105 24.31 0.23 -5.95
N ILE B 106 23.27 1.02 -6.22
CA ILE B 106 21.98 0.88 -5.58
C ILE B 106 21.03 0.32 -6.65
N LEU B 107 20.44 -0.85 -6.39
CA LEU B 107 19.52 -1.50 -7.35
C LEU B 107 18.03 -1.18 -7.14
N SER B 108 17.67 -0.83 -5.92
CA SER B 108 16.29 -0.48 -5.61
C SER B 108 16.30 0.31 -4.30
N TRP B 109 15.26 1.11 -4.09
CA TRP B 109 15.15 1.91 -2.88
C TRP B 109 13.68 2.31 -2.69
N SER B 110 13.14 2.01 -1.53
CA SER B 110 11.77 2.37 -1.22
C SER B 110 11.75 3.01 0.16
N PHE B 111 10.76 3.88 0.40
CA PHE B 111 10.63 4.56 1.68
C PHE B 111 9.14 4.81 1.95
N THR B 112 8.72 4.59 3.19
CA THR B 112 7.33 4.82 3.59
C THR B 112 7.34 5.56 4.94
N SER B 113 6.64 6.69 5.00
CA SER B 113 6.55 7.53 6.21
C SER B 113 5.07 7.80 6.49
N LYS B 114 4.65 7.64 7.74
CA LYS B 114 3.25 7.90 8.11
C LYS B 114 3.19 8.77 9.36
N LEU B 115 2.37 9.79 9.35
CA LEU B 115 2.16 10.67 10.47
C LEU B 115 0.66 10.59 10.76
N LYS B 116 0.30 10.32 12.00
CA LYS B 116 -1.10 10.21 12.39
C LYS B 116 -1.50 11.31 13.36
N SER B 117 -2.47 12.16 13.01
CA SER B 117 -2.89 13.24 13.89
C SER B 117 -3.61 12.86 15.18
N ASN B 118 -3.26 13.55 16.27
CA ASN B 118 -3.89 13.35 17.59
C ASN B 118 -5.27 13.99 17.65
N SER B 119 -5.47 15.03 16.86
CA SER B 119 -6.72 15.78 16.79
C SER B 119 -7.73 14.96 16.02
N THR B 120 -7.23 14.38 14.94
CA THR B 120 -8.05 13.66 13.98
C THR B 120 -7.97 12.14 13.93
N HIS B 121 -6.87 11.56 14.37
CA HIS B 121 -6.69 10.11 14.34
C HIS B 121 -6.68 9.57 12.86
N GLU B 122 -6.38 10.48 11.96
CA GLU B 122 -6.25 10.21 10.54
C GLU B 122 -4.78 10.39 10.17
N THR B 123 -4.35 9.72 9.11
CA THR B 123 -2.95 9.69 8.69
C THR B 123 -2.54 10.43 7.41
N ASN B 124 -1.35 11.02 7.47
CA ASN B 124 -0.73 11.67 6.31
C ASN B 124 0.38 10.67 5.99
N ALA B 125 0.55 10.36 4.70
CA ALA B 125 1.57 9.39 4.33
C ALA B 125 2.35 9.72 3.04
N LEU B 126 3.57 9.21 2.96
CA LEU B 126 4.41 9.39 1.78
C LEU B 126 5.07 8.03 1.50
N HIS B 127 5.03 7.60 0.25
CA HIS B 127 5.68 6.34 -0.16
C HIS B 127 6.23 6.47 -1.58
N PHE B 128 7.45 6.00 -1.78
CA PHE B 128 8.05 5.98 -3.10
C PHE B 128 8.81 4.67 -3.20
N MET B 129 8.87 4.15 -4.41
CA MET B 129 9.56 2.91 -4.67
C MET B 129 10.26 2.94 -6.02
N PHE B 130 11.58 2.75 -6.00
CA PHE B 130 12.37 2.75 -7.20
C PHE B 130 12.97 1.36 -7.39
N ASN B 131 12.60 0.68 -8.47
CA ASN B 131 13.17 -0.63 -8.76
C ASN B 131 13.97 -0.48 -10.04
N GLN B 132 13.91 0.72 -10.61
CA GLN B 132 14.58 1.06 -11.85
C GLN B 132 14.93 2.53 -11.74
N PHE B 133 16.11 2.92 -12.17
CA PHE B 133 16.50 4.33 -12.15
C PHE B 133 16.77 4.66 -13.61
N SER B 134 16.13 5.71 -14.12
CA SER B 134 16.34 6.10 -15.51
C SER B 134 17.40 7.20 -15.63
N LYS B 135 17.93 7.35 -16.83
CA LYS B 135 18.96 8.34 -17.12
C LYS B 135 18.53 9.77 -16.75
N ASP B 136 17.23 10.03 -16.72
CA ASP B 136 16.74 11.35 -16.34
C ASP B 136 15.65 11.16 -15.24
N GLN B 137 16.10 10.86 -14.04
CA GLN B 137 15.23 10.63 -12.88
C GLN B 137 14.97 12.00 -12.20
N LYS B 138 13.94 12.71 -12.65
CA LYS B 138 13.64 14.04 -12.13
C LYS B 138 13.20 14.20 -10.68
N ASP B 139 12.84 13.10 -10.03
CA ASP B 139 12.41 13.14 -8.62
C ASP B 139 13.55 12.84 -7.64
N LEU B 140 14.76 12.78 -8.17
CA LEU B 140 15.96 12.56 -7.38
C LEU B 140 16.91 13.74 -7.57
N ILE B 141 17.47 14.24 -6.48
CA ILE B 141 18.45 15.32 -6.52
C ILE B 141 19.79 14.58 -6.42
N LEU B 142 20.58 14.60 -7.48
CA LEU B 142 21.89 13.94 -7.50
C LEU B 142 22.99 14.93 -7.14
N GLN B 143 23.83 14.56 -6.20
CA GLN B 143 24.92 15.43 -5.79
C GLN B 143 26.24 14.71 -5.99
N GLY B 144 27.29 15.48 -6.24
CA GLY B 144 28.62 14.92 -6.41
C GLY B 144 28.72 14.07 -7.65
N ASP B 145 29.32 12.89 -7.49
CA ASP B 145 29.51 11.94 -8.59
C ASP B 145 28.36 10.98 -8.83
N ALA B 146 27.24 11.12 -8.15
CA ALA B 146 26.13 10.19 -8.38
C ALA B 146 25.50 10.31 -9.77
N THR B 147 25.18 9.15 -10.38
CA THR B 147 24.55 9.12 -11.70
C THR B 147 23.56 7.95 -11.77
N THR B 148 22.60 8.04 -12.67
CA THR B 148 21.59 7.00 -12.83
C THR B 148 21.49 6.57 -14.29
N GLY B 149 20.71 5.51 -14.54
CA GLY B 149 20.53 5.03 -15.90
C GLY B 149 21.42 3.88 -16.37
N THR B 150 22.63 3.76 -15.83
CA THR B 150 23.56 2.68 -16.19
C THR B 150 22.99 1.32 -15.75
N ASP B 151 22.41 0.58 -16.70
CA ASP B 151 21.79 -0.71 -16.41
C ASP B 151 20.54 -0.49 -15.55
N GLY B 152 20.04 0.75 -15.51
CA GLY B 152 18.87 1.04 -14.69
C GLY B 152 19.15 1.12 -13.19
N ASN B 153 20.43 1.28 -12.84
CA ASN B 153 20.87 1.36 -11.45
C ASN B 153 21.28 2.77 -11.07
N LEU B 154 21.52 2.98 -9.77
CA LEU B 154 21.97 4.27 -9.29
C LEU B 154 23.42 4.07 -8.83
N GLU B 155 24.37 4.76 -9.45
CA GLU B 155 25.78 4.64 -9.07
C GLU B 155 26.14 5.87 -8.22
N LEU B 156 26.29 5.65 -6.91
CA LEU B 156 26.59 6.74 -5.99
C LEU B 156 27.97 7.33 -6.19
N THR B 157 28.94 6.46 -6.47
CA THR B 157 30.31 6.90 -6.71
C THR B 157 30.76 6.57 -8.13
N ARG B 158 31.84 7.22 -8.56
CA ARG B 158 32.36 7.08 -9.90
C ARG B 158 32.79 5.65 -10.29
N VAL B 159 32.30 5.19 -11.42
CA VAL B 159 32.61 3.86 -11.99
C VAL B 159 33.00 4.10 -13.46
N SER B 160 34.13 3.53 -13.88
CA SER B 160 34.59 3.70 -15.25
C SER B 160 33.68 3.01 -16.26
N SER B 161 33.87 3.37 -17.52
CA SER B 161 33.08 2.80 -18.61
C SER B 161 33.16 1.28 -18.61
N ASN B 162 34.33 0.72 -18.32
CA ASN B 162 34.47 -0.74 -18.29
C ASN B 162 33.94 -1.38 -17.01
N GLY B 163 33.36 -0.56 -16.13
CA GLY B 163 32.81 -1.05 -14.87
C GLY B 163 33.72 -1.08 -13.64
N SER B 164 34.88 -0.45 -13.73
CA SER B 164 35.83 -0.43 -12.63
C SER B 164 35.66 0.82 -11.71
N PRO B 165 35.62 0.61 -10.39
CA PRO B 165 35.46 1.73 -9.43
C PRO B 165 36.69 2.66 -9.29
N GLN B 166 36.43 3.96 -9.11
CA GLN B 166 37.48 4.97 -8.96
C GLN B 166 37.63 5.39 -7.51
N GLY B 167 38.83 5.80 -7.14
CA GLY B 167 39.05 6.22 -5.78
C GLY B 167 38.66 7.67 -5.61
N SER B 168 38.71 8.14 -4.38
CA SER B 168 38.40 9.52 -4.05
C SER B 168 37.15 10.04 -4.74
N SER B 169 36.04 9.34 -4.55
CA SER B 169 34.78 9.71 -5.15
C SER B 169 33.77 9.91 -4.03
N VAL B 170 32.75 10.72 -4.29
CA VAL B 170 31.70 10.98 -3.31
C VAL B 170 30.45 11.44 -4.07
N GLY B 171 29.31 10.84 -3.73
CA GLY B 171 28.07 11.19 -4.37
C GLY B 171 26.85 10.84 -3.53
N ARG B 172 25.75 11.56 -3.73
CA ARG B 172 24.53 11.30 -2.99
C ARG B 172 23.32 11.43 -3.89
N ALA B 173 22.19 10.91 -3.41
CA ALA B 173 20.92 10.98 -4.12
C ALA B 173 19.89 11.24 -3.05
N LEU B 174 19.09 12.28 -3.19
CA LEU B 174 18.05 12.59 -2.22
C LEU B 174 16.70 12.63 -2.91
N PHE B 175 15.66 12.14 -2.26
CA PHE B 175 14.32 12.20 -2.86
C PHE B 175 13.98 13.69 -2.95
N TYR B 176 13.35 14.07 -4.05
CA TYR B 176 13.03 15.48 -4.31
C TYR B 176 12.16 16.19 -3.27
N ALA B 177 11.09 15.53 -2.84
CA ALA B 177 10.17 16.14 -1.88
C ALA B 177 10.58 16.08 -0.42
N PRO B 178 10.39 17.18 0.33
CA PRO B 178 10.74 17.16 1.75
C PRO B 178 9.76 16.16 2.39
N VAL B 179 10.15 15.58 3.51
CA VAL B 179 9.35 14.57 4.23
C VAL B 179 9.03 15.11 5.63
N HIS B 180 7.79 14.93 6.07
CA HIS B 180 7.38 15.38 7.39
C HIS B 180 7.68 14.20 8.29
N ILE B 181 8.85 14.24 8.93
CA ILE B 181 9.29 13.14 9.76
C ILE B 181 8.68 13.06 11.16
N TRP B 182 8.25 14.19 11.71
CA TRP B 182 7.61 14.19 13.03
C TRP B 182 6.78 15.44 13.19
N GLU B 183 5.84 15.40 14.13
CA GLU B 183 4.97 16.53 14.44
C GLU B 183 4.53 16.43 15.91
N SER B 184 4.52 17.57 16.60
CA SER B 184 4.14 17.65 18.01
C SER B 184 2.82 16.94 18.36
N SER B 185 1.79 17.25 17.59
CA SER B 185 0.47 16.68 17.78
C SER B 185 0.26 15.28 17.20
N ALA B 186 1.33 14.56 16.87
CA ALA B 186 1.22 13.22 16.28
C ALA B 186 1.10 12.12 17.32
N VAL B 187 0.13 11.22 17.13
CA VAL B 187 -0.11 10.06 18.03
C VAL B 187 0.94 8.96 17.78
N VAL B 188 1.13 8.64 16.50
CA VAL B 188 2.10 7.63 16.09
C VAL B 188 2.69 8.11 14.77
N ALA B 189 4.01 8.01 14.65
CA ALA B 189 4.72 8.39 13.43
C ALA B 189 5.74 7.25 13.24
N SER B 190 5.96 6.85 11.99
CA SER B 190 6.91 5.79 11.72
C SER B 190 7.43 5.90 10.30
N PHE B 191 8.62 5.36 10.08
CA PHE B 191 9.17 5.34 8.75
C PHE B 191 9.88 4.01 8.55
N GLU B 192 9.98 3.64 7.28
CA GLU B 192 10.59 2.39 6.88
C GLU B 192 11.31 2.62 5.54
N ALA B 193 12.57 2.21 5.49
CA ALA B 193 13.37 2.35 4.26
C ALA B 193 14.05 1.02 3.93
N THR B 194 14.03 0.69 2.64
CA THR B 194 14.65 -0.54 2.15
C THR B 194 15.44 -0.24 0.89
N PHE B 195 16.65 -0.78 0.80
CA PHE B 195 17.47 -0.61 -0.40
C PHE B 195 18.34 -1.85 -0.64
N THR B 196 18.55 -2.18 -1.90
CA THR B 196 19.42 -3.30 -2.27
C THR B 196 20.68 -2.68 -2.88
N PHE B 197 21.85 -3.21 -2.52
CA PHE B 197 23.11 -2.65 -2.99
C PHE B 197 24.06 -3.73 -3.48
N LEU B 198 25.11 -3.28 -4.16
CA LEU B 198 26.12 -4.16 -4.68
C LEU B 198 27.42 -3.44 -4.52
N ILE B 199 28.23 -3.94 -3.62
CA ILE B 199 29.54 -3.36 -3.34
C ILE B 199 30.54 -4.38 -3.92
N LYS B 200 31.27 -3.96 -4.93
CA LYS B 200 32.24 -4.83 -5.57
C LYS B 200 33.57 -4.12 -5.60
N SER B 201 34.62 -4.84 -5.23
CA SER B 201 35.94 -4.25 -5.19
C SER B 201 37.02 -5.13 -5.81
N PRO B 202 37.88 -4.55 -6.67
CA PRO B 202 38.95 -5.29 -7.32
C PRO B 202 40.16 -5.48 -6.37
N ASP B 203 40.37 -4.51 -5.46
CA ASP B 203 41.47 -4.60 -4.50
C ASP B 203 41.14 -5.31 -3.16
N SER B 204 42.18 -5.66 -2.41
CA SER B 204 42.07 -6.38 -1.13
C SER B 204 41.11 -5.74 -0.12
N HIS B 205 41.18 -4.42 0.01
CA HIS B 205 40.34 -3.69 0.96
C HIS B 205 39.34 -2.78 0.31
N PRO B 206 38.06 -3.15 0.35
CA PRO B 206 37.05 -2.26 -0.24
C PRO B 206 36.92 -1.04 0.69
N ALA B 207 36.43 0.08 0.15
CA ALA B 207 36.26 1.30 0.94
C ALA B 207 35.44 2.26 0.08
N ASP B 208 34.69 3.19 0.68
CA ASP B 208 34.57 3.41 2.13
C ASP B 208 33.20 3.03 2.73
N GLY B 209 32.17 2.96 1.89
CA GLY B 209 30.85 2.57 2.38
C GLY B 209 29.66 3.30 1.78
N ILE B 210 28.46 2.91 2.22
CA ILE B 210 27.20 3.49 1.79
C ILE B 210 26.43 3.85 3.06
N ALA B 211 25.57 4.87 2.99
CA ALA B 211 24.78 5.25 4.16
C ALA B 211 23.40 5.78 3.79
N PHE B 212 22.39 5.41 4.57
CA PHE B 212 21.06 5.94 4.36
C PHE B 212 21.06 7.11 5.33
N PHE B 213 20.57 8.28 4.91
CA PHE B 213 20.60 9.41 5.82
C PHE B 213 19.37 10.30 5.77
N ILE B 214 19.19 11.06 6.85
CA ILE B 214 18.09 12.01 6.99
C ILE B 214 18.80 13.32 7.35
N SER B 215 18.48 14.39 6.63
CA SER B 215 19.14 15.68 6.87
C SER B 215 18.20 16.84 6.67
N ASN B 216 18.67 18.02 6.98
CA ASN B 216 17.87 19.20 6.73
C ASN B 216 17.68 19.23 5.21
N ILE B 217 16.60 19.87 4.78
CA ILE B 217 16.21 19.97 3.40
C ILE B 217 17.25 20.47 2.40
N ASP B 218 18.07 21.43 2.84
CA ASP B 218 19.06 22.04 1.97
C ASP B 218 20.49 21.49 2.12
N SER B 219 20.60 20.26 2.61
CA SER B 219 21.89 19.61 2.81
C SER B 219 22.66 19.36 1.51
N SER B 220 23.97 19.60 1.54
CA SER B 220 24.80 19.34 0.36
C SER B 220 26.08 18.64 0.82
N ILE B 221 26.81 17.99 -0.09
CA ILE B 221 28.05 17.30 0.28
C ILE B 221 29.06 18.29 0.93
N PRO B 222 29.53 18.00 2.15
CA PRO B 222 30.48 18.93 2.79
C PRO B 222 31.78 18.88 1.99
N SER B 223 32.48 20.01 1.87
CA SER B 223 33.70 19.96 1.08
C SER B 223 34.78 19.04 1.69
N GLY B 224 35.40 18.23 0.83
CA GLY B 224 36.43 17.32 1.29
C GLY B 224 35.92 16.06 1.99
N SER B 225 34.64 15.76 1.88
CA SER B 225 34.10 14.58 2.57
C SER B 225 34.18 13.22 1.88
N THR B 226 35.22 13.01 1.10
CA THR B 226 35.39 11.71 0.46
C THR B 226 35.93 10.77 1.54
N GLY B 227 36.25 9.55 1.16
CA GLY B 227 36.80 8.61 2.12
C GLY B 227 35.98 8.35 3.37
N ARG B 228 36.66 8.31 4.50
CA ARG B 228 36.06 8.02 5.81
C ARG B 228 34.84 8.84 6.21
N LEU B 229 34.64 10.01 5.61
CA LEU B 229 33.52 10.86 5.99
C LEU B 229 32.20 10.57 5.30
N LEU B 230 32.25 9.64 4.35
CA LEU B 230 31.05 9.16 3.64
C LEU B 230 30.14 10.21 3.02
N GLY B 231 30.70 11.34 2.62
CA GLY B 231 29.89 12.39 2.02
C GLY B 231 28.83 13.00 2.93
N LEU B 232 28.94 12.75 4.24
CA LEU B 232 27.97 13.25 5.22
C LEU B 232 28.46 14.27 6.22
N PHE B 233 29.71 14.13 6.65
CA PHE B 233 30.27 15.01 7.66
C PHE B 233 31.45 15.89 7.22
N PRO B 234 31.54 17.13 7.76
CA PRO B 234 32.62 18.07 7.44
C PRO B 234 33.97 17.72 8.11
N ASP B 235 33.92 16.98 9.20
CA ASP B 235 35.13 16.61 9.91
C ASP B 235 34.92 15.29 10.64
N ALA B 236 35.92 14.85 11.37
CA ALA B 236 35.80 13.58 12.08
C ALA B 236 35.49 13.74 13.58
N ASN B 237 34.96 14.91 13.97
CA ASN B 237 34.63 15.16 15.37
C ASN B 237 33.37 14.47 15.87
N ALA C 1 -24.24 -25.08 -11.63
CA ALA C 1 -22.81 -25.37 -11.37
C ALA C 1 -22.06 -24.10 -10.95
N ASP C 2 -20.79 -24.02 -11.34
CA ASP C 2 -19.97 -22.87 -11.01
C ASP C 2 -20.11 -21.72 -12.01
N THR C 3 -19.85 -20.50 -11.54
CA THR C 3 -19.88 -19.28 -12.35
C THR C 3 -18.40 -18.92 -12.45
N ILE C 4 -17.88 -18.84 -13.67
CA ILE C 4 -16.48 -18.53 -13.87
C ILE C 4 -16.26 -17.37 -14.83
N VAL C 5 -15.37 -16.46 -14.42
CA VAL C 5 -14.95 -15.33 -15.23
C VAL C 5 -13.45 -15.55 -15.22
N ALA C 6 -12.83 -15.69 -16.39
CA ALA C 6 -11.41 -15.97 -16.44
C ALA C 6 -10.66 -15.34 -17.59
N VAL C 7 -9.37 -15.11 -17.40
CA VAL C 7 -8.49 -14.57 -18.42
C VAL C 7 -7.59 -15.76 -18.68
N GLU C 8 -7.66 -16.33 -19.86
CA GLU C 8 -6.82 -17.48 -20.17
C GLU C 8 -5.61 -17.12 -21.00
N LEU C 9 -4.52 -17.81 -20.72
CA LEU C 9 -3.27 -17.68 -21.44
C LEU C 9 -3.22 -19.05 -22.10
N ASP C 10 -3.87 -19.17 -23.25
CA ASP C 10 -3.98 -20.44 -23.97
C ASP C 10 -2.82 -20.72 -24.89
N THR C 11 -2.08 -21.79 -24.59
CA THR C 11 -0.92 -22.16 -25.38
C THR C 11 -1.20 -23.14 -26.51
N TYR C 12 -2.36 -23.77 -26.50
CA TYR C 12 -2.69 -24.77 -27.52
C TYR C 12 -3.99 -24.46 -28.26
N PRO C 13 -3.88 -24.22 -29.58
CA PRO C 13 -5.08 -23.94 -30.38
C PRO C 13 -6.00 -25.14 -30.59
N ASN C 14 -7.18 -25.12 -29.98
CA ASN C 14 -8.16 -26.20 -30.13
C ASN C 14 -9.23 -25.62 -31.02
N THR C 15 -8.96 -25.60 -32.33
CA THR C 15 -9.90 -25.00 -33.27
C THR C 15 -11.32 -25.57 -33.31
N ASP C 16 -11.51 -26.85 -32.97
CA ASP C 16 -12.85 -27.47 -32.98
C ASP C 16 -13.81 -26.72 -32.06
N ILE C 17 -13.23 -26.08 -31.03
CA ILE C 17 -14.02 -25.33 -30.05
C ILE C 17 -13.93 -23.79 -30.08
N GLY C 18 -13.48 -23.21 -31.19
CA GLY C 18 -13.43 -21.76 -31.25
C GLY C 18 -12.08 -21.07 -31.13
N ASP C 19 -11.07 -21.79 -30.71
CA ASP C 19 -9.75 -21.20 -30.57
C ASP C 19 -9.22 -20.76 -31.90
N PRO C 20 -8.50 -19.62 -31.90
CA PRO C 20 -7.92 -19.17 -33.16
C PRO C 20 -6.76 -20.16 -33.34
N SER C 21 -6.15 -20.18 -34.52
CA SER C 21 -5.07 -21.14 -34.77
C SER C 21 -3.65 -20.77 -34.35
N TYR C 22 -3.51 -20.24 -33.14
CA TYR C 22 -2.22 -19.82 -32.58
C TYR C 22 -2.36 -19.57 -31.08
N PRO C 23 -1.25 -19.59 -30.34
CA PRO C 23 -1.35 -19.34 -28.89
C PRO C 23 -2.02 -17.96 -28.73
N HIS C 24 -2.80 -17.79 -27.67
CA HIS C 24 -3.52 -16.53 -27.49
C HIS C 24 -3.99 -16.32 -26.05
N ILE C 25 -4.39 -15.09 -25.74
CA ILE C 25 -4.94 -14.78 -24.44
C ILE C 25 -6.39 -14.38 -24.69
N GLY C 26 -7.29 -14.77 -23.80
CA GLY C 26 -8.67 -14.44 -24.00
C GLY C 26 -9.43 -14.20 -22.74
N ILE C 27 -10.64 -13.65 -22.91
CA ILE C 27 -11.51 -13.37 -21.79
C ILE C 27 -12.70 -14.31 -21.85
N ASP C 28 -12.81 -15.16 -20.84
CA ASP C 28 -13.88 -16.13 -20.80
C ASP C 28 -14.92 -15.76 -19.75
N ILE C 29 -16.17 -15.70 -20.18
CA ILE C 29 -17.27 -15.38 -19.29
C ILE C 29 -18.23 -16.57 -19.36
N LYS C 30 -18.13 -17.42 -18.36
CA LYS C 30 -18.97 -18.60 -18.21
C LYS C 30 -18.86 -19.65 -19.31
N SER C 31 -17.80 -19.58 -20.11
CA SER C 31 -17.62 -20.53 -21.19
C SER C 31 -16.17 -20.50 -21.66
N VAL C 32 -15.68 -21.66 -22.07
CA VAL C 32 -14.32 -21.77 -22.56
C VAL C 32 -14.15 -21.04 -23.90
N ARG C 33 -15.27 -20.80 -24.61
CA ARG C 33 -15.22 -20.11 -25.91
C ARG C 33 -15.12 -18.59 -25.71
N SER C 34 -13.89 -18.15 -25.57
CA SER C 34 -13.55 -16.77 -25.34
C SER C 34 -14.42 -15.74 -26.03
N LYS C 35 -14.85 -14.72 -25.29
CA LYS C 35 -15.67 -13.65 -25.83
C LYS C 35 -14.80 -12.78 -26.72
N LYS C 36 -13.51 -12.74 -26.42
CA LYS C 36 -12.52 -11.96 -27.18
C LYS C 36 -11.15 -12.57 -26.94
N THR C 37 -10.34 -12.61 -27.99
CA THR C 37 -9.00 -13.16 -27.92
C THR C 37 -8.00 -12.23 -28.58
N ALA C 38 -6.73 -12.48 -28.34
CA ALA C 38 -5.64 -11.71 -28.92
C ALA C 38 -4.48 -12.65 -29.16
N LYS C 39 -3.74 -12.43 -30.23
CA LYS C 39 -2.58 -13.26 -30.56
C LYS C 39 -1.52 -13.03 -29.49
N TRP C 40 -0.92 -14.12 -29.02
CA TRP C 40 0.10 -14.08 -27.98
C TRP C 40 1.37 -14.82 -28.40
N ASN C 41 2.45 -14.08 -28.56
CA ASN C 41 3.74 -14.65 -28.93
C ASN C 41 4.40 -15.27 -27.71
N MET C 42 3.89 -16.43 -27.30
CA MET C 42 4.42 -17.15 -26.15
C MET C 42 5.84 -17.60 -26.41
N GLN C 43 6.69 -17.41 -25.41
CA GLN C 43 8.09 -17.79 -25.51
C GLN C 43 8.39 -18.95 -24.56
N ASN C 44 8.65 -20.12 -25.14
CA ASN C 44 8.96 -21.32 -24.39
C ASN C 44 10.21 -21.14 -23.53
N GLY C 45 10.06 -21.35 -22.22
CA GLY C 45 11.18 -21.24 -21.31
C GLY C 45 11.52 -19.89 -20.70
N LYS C 46 10.77 -18.85 -21.06
CA LYS C 46 11.02 -17.52 -20.51
C LYS C 46 9.99 -17.14 -19.44
N VAL C 47 10.40 -16.28 -18.53
CA VAL C 47 9.53 -15.81 -17.47
C VAL C 47 8.74 -14.63 -18.01
N GLY C 48 7.41 -14.73 -17.92
CA GLY C 48 6.53 -13.66 -18.37
C GLY C 48 5.64 -13.11 -17.25
N THR C 49 4.96 -12.00 -17.54
CA THR C 49 4.09 -11.35 -16.58
C THR C 49 2.69 -11.08 -17.15
N ALA C 50 1.66 -11.38 -16.36
CA ALA C 50 0.26 -11.12 -16.73
C ALA C 50 -0.27 -10.10 -15.71
N HIS C 51 -0.97 -9.09 -16.20
CA HIS C 51 -1.53 -8.03 -15.37
C HIS C 51 -3.01 -7.94 -15.75
N ILE C 52 -3.90 -8.12 -14.77
CA ILE C 52 -5.35 -8.08 -15.00
C ILE C 52 -6.00 -6.94 -14.18
N ILE C 53 -6.74 -6.06 -14.86
CA ILE C 53 -7.40 -4.93 -14.20
C ILE C 53 -8.87 -4.76 -14.56
N TYR C 54 -9.61 -4.19 -13.61
CA TYR C 54 -11.03 -3.95 -13.77
C TYR C 54 -11.51 -2.88 -12.78
N ASN C 55 -12.49 -2.08 -13.18
CA ASN C 55 -13.08 -1.08 -12.28
C ASN C 55 -14.54 -0.91 -12.67
N SER C 56 -15.37 -0.64 -11.66
CA SER C 56 -16.82 -0.49 -11.84
C SER C 56 -17.32 0.74 -12.60
N VAL C 57 -16.44 1.72 -12.80
CA VAL C 57 -16.82 2.91 -13.52
C VAL C 57 -16.82 2.60 -15.01
N ASP C 58 -15.69 2.08 -15.49
CA ASP C 58 -15.54 1.73 -16.90
C ASP C 58 -16.12 0.37 -17.24
N LYS C 59 -16.23 -0.51 -16.24
CA LYS C 59 -16.75 -1.87 -16.40
C LYS C 59 -16.11 -2.58 -17.58
N ARG C 60 -14.78 -2.58 -17.56
CA ARG C 60 -13.98 -3.20 -18.61
C ARG C 60 -12.92 -4.10 -17.98
N LEU C 61 -12.90 -5.35 -18.39
CA LEU C 61 -11.91 -6.29 -17.87
C LEU C 61 -10.77 -6.30 -18.89
N SER C 62 -9.58 -5.90 -18.46
CA SER C 62 -8.46 -5.85 -19.39
C SER C 62 -7.26 -6.63 -18.85
N ALA C 63 -6.48 -7.19 -19.77
CA ALA C 63 -5.30 -7.95 -19.41
C ALA C 63 -4.12 -7.68 -20.35
N VAL C 64 -2.93 -7.56 -19.78
CA VAL C 64 -1.71 -7.35 -20.57
C VAL C 64 -0.75 -8.47 -20.21
N VAL C 65 -0.25 -9.17 -21.23
CA VAL C 65 0.71 -10.25 -21.00
C VAL C 65 1.98 -9.91 -21.76
N SER C 66 3.14 -10.06 -21.12
CA SER C 66 4.39 -9.76 -21.81
C SER C 66 5.61 -10.43 -21.21
N TYR C 67 6.70 -10.39 -21.98
CA TYR C 67 7.99 -10.94 -21.60
C TYR C 67 8.91 -9.74 -21.67
N PRO C 68 9.95 -9.69 -20.84
CA PRO C 68 10.88 -8.55 -20.87
C PRO C 68 11.44 -8.31 -22.28
N ASN C 69 11.47 -7.05 -22.70
CA ASN C 69 12.00 -6.65 -24.01
C ASN C 69 11.26 -7.13 -25.23
N ALA C 70 10.04 -7.63 -25.05
CA ALA C 70 9.24 -8.11 -26.17
C ALA C 70 7.93 -7.32 -26.22
N ASP C 71 7.15 -7.53 -27.27
CA ASP C 71 5.87 -6.84 -27.39
C ASP C 71 4.91 -7.49 -26.42
N SER C 72 3.93 -6.74 -25.97
CA SER C 72 2.97 -7.31 -25.07
C SER C 72 1.69 -7.57 -25.86
N ALA C 73 0.89 -8.46 -25.33
CA ALA C 73 -0.38 -8.75 -25.94
C ALA C 73 -1.41 -8.18 -24.96
N THR C 74 -2.47 -7.56 -25.50
CA THR C 74 -3.52 -6.98 -24.68
C THR C 74 -4.90 -7.43 -25.18
N VAL C 75 -5.81 -7.68 -24.26
CA VAL C 75 -7.17 -8.06 -24.61
C VAL C 75 -8.09 -7.37 -23.61
N SER C 76 -9.19 -6.79 -24.11
CA SER C 76 -10.17 -6.10 -23.26
C SER C 76 -11.60 -6.46 -23.66
N TYR C 77 -12.50 -6.50 -22.68
CA TYR C 77 -13.90 -6.80 -22.96
C TYR C 77 -14.78 -6.07 -21.95
N ASP C 78 -15.81 -5.40 -22.45
CA ASP C 78 -16.73 -4.67 -21.59
C ASP C 78 -17.68 -5.67 -20.98
N VAL C 79 -17.71 -5.71 -19.65
CA VAL C 79 -18.56 -6.64 -18.93
C VAL C 79 -18.87 -6.11 -17.53
N ASP C 80 -20.15 -6.17 -17.15
CA ASP C 80 -20.56 -5.72 -15.84
C ASP C 80 -20.57 -6.95 -14.96
N LEU C 81 -19.55 -7.10 -14.13
CA LEU C 81 -19.43 -8.25 -13.24
C LEU C 81 -20.58 -8.40 -12.25
N ASP C 82 -21.33 -7.32 -12.03
CA ASP C 82 -22.48 -7.35 -11.11
C ASP C 82 -23.54 -8.33 -11.58
N ASN C 83 -23.67 -8.44 -12.90
CA ASN C 83 -24.65 -9.31 -13.54
C ASN C 83 -24.15 -10.73 -13.75
N VAL C 84 -22.86 -10.95 -13.61
CA VAL C 84 -22.30 -12.28 -13.84
C VAL C 84 -21.93 -13.06 -12.57
N LEU C 85 -21.20 -12.42 -11.68
CA LEU C 85 -20.75 -13.08 -10.46
C LEU C 85 -21.52 -12.79 -9.19
N PRO C 86 -21.43 -13.68 -8.19
CA PRO C 86 -22.14 -13.40 -6.94
C PRO C 86 -21.30 -12.28 -6.27
N GLU C 87 -21.82 -11.61 -5.24
CA GLU C 87 -20.99 -10.54 -4.69
C GLU C 87 -19.76 -11.00 -3.93
N TRP C 88 -19.80 -12.22 -3.42
CA TRP C 88 -18.67 -12.82 -2.71
C TRP C 88 -18.16 -13.96 -3.58
N VAL C 89 -16.84 -13.94 -3.84
CA VAL C 89 -16.18 -14.92 -4.69
C VAL C 89 -14.80 -15.32 -4.16
N ARG C 90 -14.15 -16.25 -4.86
CA ARG C 90 -12.78 -16.66 -4.55
C ARG C 90 -12.00 -16.43 -5.85
N VAL C 91 -10.75 -16.00 -5.72
CA VAL C 91 -9.91 -15.76 -6.90
C VAL C 91 -8.85 -16.86 -6.87
N GLY C 92 -8.36 -17.24 -8.05
CA GLY C 92 -7.37 -18.28 -8.11
C GLY C 92 -6.70 -18.38 -9.46
N LEU C 93 -5.84 -19.38 -9.58
CA LEU C 93 -5.11 -19.63 -10.81
C LEU C 93 -5.35 -21.11 -11.12
N SER C 94 -5.48 -21.43 -12.39
CA SER C 94 -5.72 -22.80 -12.82
C SER C 94 -4.85 -23.10 -14.04
N ALA C 95 -4.53 -24.36 -14.22
CA ALA C 95 -3.73 -24.76 -15.37
C ALA C 95 -4.00 -26.21 -15.71
N SER C 96 -3.65 -26.58 -16.94
CA SER C 96 -3.85 -27.96 -17.38
C SER C 96 -2.92 -28.37 -18.51
N THR C 97 -2.93 -29.68 -18.76
CA THR C 97 -2.16 -30.31 -19.84
C THR C 97 -3.04 -31.47 -20.27
N GLY C 98 -2.79 -31.98 -21.47
CA GLY C 98 -3.58 -33.10 -21.97
C GLY C 98 -2.65 -34.10 -22.64
N LEU C 99 -2.81 -34.30 -23.96
CA LEU C 99 -1.92 -35.19 -24.70
C LEU C 99 -0.56 -34.49 -24.71
N TYR C 100 -0.58 -33.17 -24.91
CA TYR C 100 0.64 -32.37 -24.91
C TYR C 100 0.76 -31.70 -23.54
N LYS C 101 1.96 -31.27 -23.17
CA LYS C 101 2.12 -30.68 -21.85
C LYS C 101 3.16 -29.59 -21.76
N GLU C 102 3.22 -28.97 -20.58
CA GLU C 102 4.14 -27.88 -20.32
C GLU C 102 4.16 -27.70 -18.80
N THR C 103 5.16 -26.97 -18.31
CA THR C 103 5.19 -26.66 -16.88
C THR C 103 4.28 -25.43 -16.77
N ASN C 104 3.53 -25.34 -15.68
CA ASN C 104 2.67 -24.20 -15.43
C ASN C 104 3.11 -23.66 -14.07
N THR C 105 4.33 -23.12 -14.05
CA THR C 105 4.96 -22.61 -12.84
C THR C 105 4.64 -21.15 -12.52
N ILE C 106 4.09 -20.91 -11.32
CA ILE C 106 3.79 -19.55 -10.88
C ILE C 106 4.90 -19.09 -9.93
N LEU C 107 5.60 -18.03 -10.30
CA LEU C 107 6.69 -17.52 -9.46
C LEU C 107 6.27 -16.43 -8.47
N SER C 108 5.20 -15.73 -8.79
CA SER C 108 4.67 -14.69 -7.92
C SER C 108 3.20 -14.43 -8.26
N TRP C 109 2.46 -13.86 -7.32
CA TRP C 109 1.05 -13.60 -7.54
C TRP C 109 0.57 -12.58 -6.52
N SER C 110 0.01 -11.48 -6.99
CA SER C 110 -0.54 -10.49 -6.07
C SER C 110 -1.94 -10.08 -6.53
N PHE C 111 -2.72 -9.61 -5.58
CA PHE C 111 -4.09 -9.23 -5.84
C PHE C 111 -4.48 -8.11 -4.89
N THR C 112 -5.16 -7.11 -5.43
CA THR C 112 -5.65 -5.97 -4.64
C THR C 112 -7.11 -5.72 -5.08
N SER C 113 -8.00 -5.63 -4.10
CA SER C 113 -9.42 -5.38 -4.31
C SER C 113 -9.83 -4.24 -3.41
N LYS C 114 -10.60 -3.28 -3.94
CA LYS C 114 -11.07 -2.13 -3.15
C LYS C 114 -12.54 -1.84 -3.43
N LEU C 115 -13.27 -1.52 -2.38
CA LEU C 115 -14.70 -1.18 -2.44
C LEU C 115 -14.97 0.09 -1.64
N LYS C 116 -15.51 1.14 -2.29
CA LYS C 116 -15.83 2.41 -1.63
C LYS C 116 -17.34 2.53 -1.46
N SER C 117 -17.83 2.61 -0.24
CA SER C 117 -19.26 2.68 -0.01
C SER C 117 -19.85 4.05 -0.29
N ASN C 118 -21.03 4.03 -0.89
CA ASN C 118 -21.72 5.29 -1.19
C ASN C 118 -22.28 5.92 0.06
N SER C 119 -22.63 5.13 1.06
CA SER C 119 -23.19 5.66 2.29
C SER C 119 -22.08 6.27 3.09
N THR C 120 -20.91 5.66 3.02
CA THR C 120 -19.77 6.07 3.83
C THR C 120 -18.61 6.81 3.18
N HIS C 121 -18.29 6.51 1.92
CA HIS C 121 -17.20 7.10 1.17
C HIS C 121 -15.80 6.71 1.73
N GLU C 122 -15.86 5.64 2.51
CA GLU C 122 -14.70 5.05 3.12
C GLU C 122 -14.53 3.74 2.37
N THR C 123 -13.32 3.18 2.42
CA THR C 123 -12.98 1.99 1.68
C THR C 123 -12.68 0.71 2.47
N ASN C 124 -13.12 -0.40 1.91
CA ASN C 124 -12.84 -1.73 2.48
C ASN C 124 -11.84 -2.26 1.47
N ALA C 125 -10.76 -2.88 1.94
CA ALA C 125 -9.74 -3.35 1.00
C ALA C 125 -9.11 -4.69 1.39
N LEU C 126 -8.64 -5.42 0.38
CA LEU C 126 -7.96 -6.70 0.55
C LEU C 126 -6.75 -6.69 -0.38
N HIS C 127 -5.58 -7.04 0.15
CA HIS C 127 -4.37 -7.14 -0.62
C HIS C 127 -3.53 -8.33 -0.12
N PHE C 128 -3.01 -9.12 -1.06
CA PHE C 128 -2.10 -10.23 -0.72
C PHE C 128 -1.02 -10.28 -1.81
N MET C 129 0.18 -10.60 -1.40
CA MET C 129 1.28 -10.70 -2.34
C MET C 129 2.13 -11.89 -1.98
N PHE C 130 2.33 -12.77 -2.95
CA PHE C 130 3.15 -13.94 -2.76
C PHE C 130 4.33 -13.83 -3.70
N ASN C 131 5.55 -13.82 -3.16
CA ASN C 131 6.75 -13.77 -3.98
C ASN C 131 7.54 -15.04 -3.72
N GLN C 132 7.05 -15.83 -2.76
CA GLN C 132 7.63 -17.09 -2.33
C GLN C 132 6.47 -17.99 -1.89
N PHE C 133 6.53 -19.26 -2.23
CA PHE C 133 5.48 -20.18 -1.83
C PHE C 133 6.14 -21.27 -1.01
N SER C 134 5.67 -21.46 0.20
CA SER C 134 6.24 -22.49 1.06
C SER C 134 5.53 -23.82 0.89
N LYS C 135 6.21 -24.89 1.30
CA LYS C 135 5.69 -26.24 1.22
C LYS C 135 4.38 -26.42 2.00
N ASP C 136 4.11 -25.51 2.94
CA ASP C 136 2.85 -25.58 3.68
C ASP C 136 2.20 -24.20 3.69
N GLN C 137 1.81 -23.74 2.49
CA GLN C 137 1.18 -22.45 2.28
C GLN C 137 -0.29 -22.53 2.71
N LYS C 138 -0.55 -22.36 4.00
CA LYS C 138 -1.90 -22.49 4.54
C LYS C 138 -2.98 -21.51 4.08
N ASP C 139 -2.59 -20.40 3.47
CA ASP C 139 -3.58 -19.44 2.99
C ASP C 139 -3.99 -19.69 1.54
N LEU C 140 -3.57 -20.85 1.01
CA LEU C 140 -3.91 -21.26 -0.36
C LEU C 140 -4.68 -22.58 -0.29
N ILE C 141 -5.75 -22.68 -1.08
CA ILE C 141 -6.52 -23.91 -1.18
C ILE C 141 -5.99 -24.55 -2.48
N LEU C 142 -5.30 -25.68 -2.36
CA LEU C 142 -4.75 -26.35 -3.55
C LEU C 142 -5.67 -27.45 -4.02
N GLN C 143 -6.03 -27.39 -5.30
CA GLN C 143 -6.93 -28.37 -5.91
C GLN C 143 -6.21 -29.16 -7.00
N GLY C 144 -6.57 -30.43 -7.12
CA GLY C 144 -5.95 -31.27 -8.13
C GLY C 144 -4.47 -31.54 -7.88
N ASP C 145 -3.69 -31.42 -8.94
CA ASP C 145 -2.25 -31.69 -8.86
C ASP C 145 -1.38 -30.53 -8.40
N ALA C 146 -1.98 -29.38 -8.08
CA ALA C 146 -1.21 -28.22 -7.64
C ALA C 146 -0.40 -28.49 -6.38
N THR C 147 0.84 -28.01 -6.37
CA THR C 147 1.73 -28.15 -5.21
C THR C 147 2.62 -26.90 -5.06
N THR C 148 3.13 -26.65 -3.86
CA THR C 148 3.99 -25.50 -3.58
C THR C 148 5.30 -25.90 -2.92
N GLY C 149 6.23 -24.95 -2.82
CA GLY C 149 7.50 -25.22 -2.17
C GLY C 149 8.67 -25.67 -3.02
N THR C 150 8.41 -26.24 -4.20
CA THR C 150 9.51 -26.67 -5.06
C THR C 150 10.22 -25.42 -5.55
N ASP C 151 11.40 -25.14 -4.99
CA ASP C 151 12.14 -23.94 -5.38
C ASP C 151 11.41 -22.65 -4.96
N GLY C 152 10.42 -22.79 -4.08
CA GLY C 152 9.64 -21.64 -3.63
C GLY C 152 8.59 -21.21 -4.64
N ASN C 153 8.26 -22.11 -5.58
CA ASN C 153 7.29 -21.80 -6.60
C ASN C 153 6.00 -22.57 -6.41
N LEU C 154 5.01 -22.20 -7.20
CA LEU C 154 3.73 -22.84 -7.19
C LEU C 154 3.68 -23.58 -8.52
N GLU C 155 3.53 -24.91 -8.47
CA GLU C 155 3.43 -25.73 -9.69
C GLU C 155 1.98 -26.12 -9.85
N LEU C 156 1.27 -25.49 -10.79
CA LEU C 156 -0.15 -25.80 -10.98
C LEU C 156 -0.44 -27.20 -11.47
N THR C 157 0.41 -27.71 -12.36
CA THR C 157 0.23 -29.06 -12.86
C THR C 157 1.42 -29.94 -12.51
N ARG C 158 1.19 -31.25 -12.55
CA ARG C 158 2.20 -32.25 -12.19
C ARG C 158 3.52 -32.18 -12.98
N VAL C 159 4.63 -32.19 -12.24
CA VAL C 159 5.97 -32.18 -12.80
C VAL C 159 6.69 -33.35 -12.13
N SER C 160 7.47 -34.12 -12.89
CA SER C 160 8.17 -35.28 -12.33
C SER C 160 9.33 -34.91 -11.41
N SER C 161 9.90 -35.92 -10.76
CA SER C 161 11.03 -35.70 -9.85
C SER C 161 12.17 -34.92 -10.51
N ASN C 162 12.50 -35.27 -11.76
CA ASN C 162 13.58 -34.61 -12.50
C ASN C 162 13.24 -33.29 -13.23
N GLY C 163 12.07 -32.73 -12.96
CA GLY C 163 11.66 -31.47 -13.58
C GLY C 163 10.86 -31.49 -14.88
N SER C 164 10.45 -32.67 -15.34
CA SER C 164 9.70 -32.84 -16.59
C SER C 164 8.18 -32.80 -16.40
N PRO C 165 7.47 -32.02 -17.24
CA PRO C 165 6.00 -31.91 -17.13
C PRO C 165 5.29 -33.19 -17.56
N GLN C 166 4.18 -33.47 -16.88
CA GLN C 166 3.38 -34.65 -17.15
C GLN C 166 2.13 -34.22 -17.89
N GLY C 167 1.56 -35.12 -18.69
CA GLY C 167 0.34 -34.84 -19.42
C GLY C 167 -0.87 -35.19 -18.57
N SER C 168 -2.06 -34.97 -19.09
CA SER C 168 -3.31 -35.24 -18.38
C SER C 168 -3.33 -34.76 -16.93
N SER C 169 -2.83 -33.56 -16.70
CA SER C 169 -2.76 -32.95 -15.38
C SER C 169 -3.62 -31.68 -15.29
N VAL C 170 -4.22 -31.47 -14.12
CA VAL C 170 -5.02 -30.28 -13.85
C VAL C 170 -4.84 -29.86 -12.39
N GLY C 171 -4.75 -28.56 -12.14
CA GLY C 171 -4.56 -28.09 -10.79
C GLY C 171 -4.92 -26.63 -10.63
N ARG C 172 -5.36 -26.26 -9.43
CA ARG C 172 -5.73 -24.88 -9.14
C ARG C 172 -5.26 -24.46 -7.76
N ALA C 173 -5.13 -23.14 -7.57
CA ALA C 173 -4.75 -22.55 -6.29
C ALA C 173 -5.69 -21.39 -6.06
N LEU C 174 -6.45 -21.42 -4.97
CA LEU C 174 -7.39 -20.35 -4.65
C LEU C 174 -6.93 -19.67 -3.36
N PHE C 175 -7.08 -18.36 -3.24
CA PHE C 175 -6.69 -17.68 -1.99
C PHE C 175 -7.76 -18.09 -0.98
N TYR C 176 -7.36 -18.35 0.25
CA TYR C 176 -8.27 -18.82 1.29
C TYR C 176 -9.50 -17.96 1.61
N ALA C 177 -9.31 -16.66 1.75
CA ALA C 177 -10.41 -15.77 2.10
C ALA C 177 -11.29 -15.36 0.93
N PRO C 178 -12.63 -15.34 1.15
CA PRO C 178 -13.56 -14.93 0.10
C PRO C 178 -13.26 -13.46 -0.13
N VAL C 179 -13.58 -12.97 -1.31
CA VAL C 179 -13.34 -11.58 -1.68
C VAL C 179 -14.66 -10.91 -2.01
N HIS C 180 -14.89 -9.72 -1.47
CA HIS C 180 -16.12 -8.99 -1.75
C HIS C 180 -15.82 -8.24 -3.04
N ILE C 181 -16.27 -8.80 -4.16
CA ILE C 181 -15.98 -8.22 -5.47
C ILE C 181 -16.86 -7.07 -5.95
N TRP C 182 -18.10 -7.00 -5.46
CA TRP C 182 -19.01 -5.92 -5.82
C TRP C 182 -20.10 -5.76 -4.78
N GLU C 183 -20.70 -4.59 -4.75
CA GLU C 183 -21.77 -4.30 -3.83
C GLU C 183 -22.68 -3.24 -4.43
N SER C 184 -23.97 -3.40 -4.23
CA SER C 184 -24.99 -2.48 -4.76
C SER C 184 -24.73 -1.02 -4.42
N SER C 185 -24.40 -0.77 -3.16
CA SER C 185 -24.15 0.57 -2.66
C SER C 185 -22.72 1.13 -2.86
N ALA C 186 -21.96 0.56 -3.79
CA ALA C 186 -20.57 1.00 -4.01
C ALA C 186 -20.41 2.15 -5.01
N VAL C 187 -19.65 3.18 -4.64
CA VAL C 187 -19.38 4.31 -5.53
C VAL C 187 -18.39 3.88 -6.60
N VAL C 188 -17.34 3.19 -6.14
CA VAL C 188 -16.29 2.68 -7.03
C VAL C 188 -15.77 1.37 -6.44
N ALA C 189 -15.41 0.44 -7.32
CA ALA C 189 -14.88 -0.85 -6.93
C ALA C 189 -13.87 -1.21 -8.00
N SER C 190 -12.79 -1.87 -7.59
CA SER C 190 -11.77 -2.24 -8.54
C SER C 190 -10.89 -3.35 -8.00
N PHE C 191 -10.29 -4.08 -8.92
CA PHE C 191 -9.34 -5.11 -8.53
C PHE C 191 -8.20 -5.10 -9.53
N GLU C 192 -7.08 -5.65 -9.11
CA GLU C 192 -5.89 -5.72 -9.92
C GLU C 192 -5.17 -6.98 -9.47
N ALA C 193 -4.78 -7.80 -10.45
CA ALA C 193 -4.08 -9.05 -10.18
C ALA C 193 -2.85 -9.07 -11.08
N THR C 194 -1.75 -9.59 -10.55
CA THR C 194 -0.51 -9.70 -11.30
C THR C 194 0.12 -11.04 -10.93
N PHE C 195 0.71 -11.71 -11.91
CA PHE C 195 1.42 -12.94 -11.62
C PHE C 195 2.49 -13.15 -12.67
N THR C 196 3.59 -13.78 -12.27
CA THR C 196 4.68 -14.08 -13.19
C THR C 196 4.65 -15.60 -13.34
N PHE C 197 4.88 -16.07 -14.55
CA PHE C 197 4.82 -17.50 -14.80
C PHE C 197 6.00 -17.96 -15.66
N LEU C 198 6.21 -19.27 -15.68
CA LEU C 198 7.27 -19.86 -16.49
C LEU C 198 6.69 -21.11 -17.14
N ILE C 199 6.39 -21.00 -18.44
CA ILE C 199 5.85 -22.10 -19.21
C ILE C 199 7.00 -22.68 -20.04
N LYS C 200 7.31 -23.94 -19.80
CA LYS C 200 8.41 -24.60 -20.50
C LYS C 200 7.95 -25.96 -20.98
N SER C 201 8.24 -26.28 -22.23
CA SER C 201 7.81 -27.56 -22.79
C SER C 201 8.91 -28.26 -23.58
N PRO C 202 9.04 -29.59 -23.41
CA PRO C 202 10.07 -30.32 -24.14
C PRO C 202 9.62 -30.62 -25.60
N ASP C 203 8.31 -30.85 -25.79
CA ASP C 203 7.78 -31.14 -27.13
C ASP C 203 7.49 -29.90 -28.00
N SER C 204 7.27 -30.14 -29.29
CA SER C 204 7.00 -29.09 -30.28
C SER C 204 5.80 -28.21 -29.95
N HIS C 205 4.77 -28.83 -29.39
CA HIS C 205 3.55 -28.12 -29.04
C HIS C 205 3.24 -28.08 -27.55
N PRO C 206 3.44 -26.96 -26.91
CA PRO C 206 3.13 -26.86 -25.48
C PRO C 206 1.59 -26.77 -25.32
N ALA C 207 1.08 -27.28 -24.20
CA ALA C 207 -0.35 -27.24 -23.91
C ALA C 207 -0.50 -27.50 -22.42
N ASP C 208 -1.61 -27.07 -21.81
CA ASP C 208 -2.72 -26.37 -22.47
C ASP C 208 -2.85 -24.90 -22.12
N GLY C 209 -2.29 -24.47 -20.99
CA GLY C 209 -2.35 -23.08 -20.62
C GLY C 209 -2.60 -22.82 -19.14
N ILE C 210 -2.61 -21.52 -18.80
CA ILE C 210 -2.82 -21.04 -17.43
C ILE C 210 -3.98 -20.05 -17.47
N ALA C 211 -4.71 -19.91 -16.37
CA ALA C 211 -5.82 -18.98 -16.32
C ALA C 211 -6.01 -18.35 -14.97
N PHE C 212 -6.25 -17.05 -14.94
CA PHE C 212 -6.56 -16.39 -13.68
C PHE C 212 -8.08 -16.42 -13.71
N PHE C 213 -8.72 -16.86 -12.63
CA PHE C 213 -10.18 -16.93 -12.62
C PHE C 213 -10.82 -16.39 -11.35
N ILE C 214 -12.11 -16.11 -11.47
CA ILE C 214 -12.88 -15.62 -10.35
C ILE C 214 -14.09 -16.56 -10.38
N SER C 215 -14.44 -17.12 -9.24
CA SER C 215 -15.54 -18.07 -9.19
C SER C 215 -16.37 -17.96 -7.92
N ASN C 216 -17.42 -18.77 -7.85
CA ASN C 216 -18.22 -18.81 -6.63
C ASN C 216 -17.31 -19.41 -5.54
N ILE C 217 -17.58 -19.04 -4.32
CA ILE C 217 -16.80 -19.46 -3.15
C ILE C 217 -16.42 -20.93 -3.06
N ASP C 218 -17.39 -21.80 -3.37
CA ASP C 218 -17.22 -23.25 -3.27
C ASP C 218 -16.80 -23.98 -4.56
N SER C 219 -16.22 -23.25 -5.49
CA SER C 219 -15.79 -23.80 -6.76
C SER C 219 -14.80 -24.97 -6.63
N SER C 220 -15.00 -25.99 -7.45
CA SER C 220 -14.16 -27.18 -7.46
C SER C 220 -13.84 -27.55 -8.90
N ILE C 221 -12.76 -28.27 -9.15
CA ILE C 221 -12.39 -28.69 -10.51
C ILE C 221 -13.47 -29.62 -11.09
N PRO C 222 -14.12 -29.22 -12.21
CA PRO C 222 -15.17 -30.06 -12.81
C PRO C 222 -14.50 -31.34 -13.29
N SER C 223 -15.09 -32.49 -12.99
CA SER C 223 -14.46 -33.74 -13.42
C SER C 223 -14.23 -33.74 -14.92
N GLY C 224 -13.05 -34.21 -15.30
CA GLY C 224 -12.70 -34.26 -16.70
C GLY C 224 -12.32 -32.97 -17.39
N SER C 225 -11.98 -31.93 -16.62
CA SER C 225 -11.61 -30.67 -17.26
C SER C 225 -10.13 -30.57 -17.60
N THR C 226 -9.45 -31.71 -17.77
CA THR C 226 -8.04 -31.68 -18.16
C THR C 226 -7.98 -31.18 -19.59
N GLY C 227 -6.78 -30.91 -20.08
CA GLY C 227 -6.63 -30.45 -21.45
C GLY C 227 -7.28 -29.11 -21.78
N ARG C 228 -8.01 -29.08 -22.90
CA ARG C 228 -8.71 -27.89 -23.43
C ARG C 228 -9.56 -27.08 -22.46
N LEU C 229 -10.19 -27.74 -21.51
CA LEU C 229 -11.06 -27.06 -20.55
C LEU C 229 -10.34 -26.28 -19.42
N LEU C 230 -9.00 -26.33 -19.42
CA LEU C 230 -8.15 -25.59 -18.49
C LEU C 230 -8.48 -25.66 -17.01
N GLY C 231 -9.12 -26.74 -16.59
CA GLY C 231 -9.48 -26.90 -15.19
C GLY C 231 -10.58 -25.97 -14.72
N LEU C 232 -11.26 -25.32 -15.66
CA LEU C 232 -12.32 -24.38 -15.33
C LEU C 232 -13.73 -24.79 -15.72
N PHE C 233 -13.88 -25.39 -16.89
CA PHE C 233 -15.20 -25.74 -17.39
C PHE C 233 -15.52 -27.22 -17.49
N PRO C 234 -16.79 -27.56 -17.24
CA PRO C 234 -17.21 -28.96 -17.31
C PRO C 234 -17.36 -29.48 -18.75
N ASP C 235 -17.64 -28.57 -19.68
CA ASP C 235 -17.81 -28.92 -21.10
C ASP C 235 -17.32 -27.81 -22.02
N ALA C 236 -17.43 -28.04 -23.33
CA ALA C 236 -16.96 -27.06 -24.29
C ALA C 236 -18.05 -26.16 -24.85
N ASN C 237 -19.20 -26.11 -24.17
CA ASN C 237 -20.31 -25.28 -24.63
C ASN C 237 -20.13 -23.78 -24.42
N ALA D 1 -4.18 -26.85 24.85
CA ALA D 1 -5.28 -25.97 24.35
C ALA D 1 -4.75 -24.94 23.34
N ASP D 2 -5.32 -23.74 23.37
CA ASP D 2 -4.92 -22.67 22.46
C ASP D 2 -3.73 -21.86 22.94
N THR D 3 -3.02 -21.23 22.00
CA THR D 3 -1.88 -20.37 22.32
C THR D 3 -2.39 -18.97 22.02
N ILE D 4 -2.34 -18.08 23.01
CA ILE D 4 -2.87 -16.74 22.83
C ILE D 4 -1.93 -15.63 23.21
N VAL D 5 -1.80 -14.66 22.32
CA VAL D 5 -1.01 -13.46 22.59
C VAL D 5 -2.06 -12.37 22.35
N ALA D 6 -2.26 -11.49 23.33
CA ALA D 6 -3.29 -10.48 23.16
C ALA D 6 -2.97 -9.15 23.81
N VAL D 7 -3.60 -8.11 23.25
CA VAL D 7 -3.49 -6.77 23.78
C VAL D 7 -4.91 -6.49 24.27
N GLU D 8 -5.07 -6.32 25.57
CA GLU D 8 -6.40 -6.07 26.10
C GLU D 8 -6.62 -4.63 26.51
N LEU D 9 -7.87 -4.20 26.32
CA LEU D 9 -8.35 -2.89 26.72
C LEU D 9 -9.32 -3.33 27.82
N ASP D 10 -8.79 -3.47 29.03
CA ASP D 10 -9.60 -3.95 30.15
C ASP D 10 -10.29 -2.83 30.91
N THR D 11 -11.60 -2.77 30.79
CA THR D 11 -12.38 -1.72 31.46
C THR D 11 -12.74 -2.00 32.92
N TYR D 12 -12.68 -3.26 33.33
CA TYR D 12 -13.06 -3.66 34.69
C TYR D 12 -11.95 -4.27 35.50
N PRO D 13 -11.56 -3.65 36.62
CA PRO D 13 -10.49 -4.19 37.45
C PRO D 13 -10.86 -5.43 38.31
N ASN D 14 -10.34 -6.59 37.95
CA ASN D 14 -10.57 -7.81 38.71
C ASN D 14 -9.31 -8.02 39.53
N THR D 15 -9.21 -7.34 40.65
CA THR D 15 -8.01 -7.45 41.47
C THR D 15 -7.65 -8.84 41.99
N ASP D 16 -8.60 -9.78 42.10
CA ASP D 16 -8.26 -11.13 42.58
C ASP D 16 -7.34 -11.87 41.63
N ILE D 17 -7.38 -11.49 40.36
CA ILE D 17 -6.55 -12.16 39.38
C ILE D 17 -5.40 -11.31 38.86
N GLY D 18 -5.01 -10.27 39.60
CA GLY D 18 -3.88 -9.47 39.15
C GLY D 18 -4.07 -8.11 38.54
N ASP D 19 -5.30 -7.77 38.22
CA ASP D 19 -5.56 -6.50 37.59
C ASP D 19 -5.23 -5.34 38.50
N PRO D 20 -4.73 -4.25 37.91
CA PRO D 20 -4.42 -3.08 38.74
C PRO D 20 -5.83 -2.53 39.07
N SER D 21 -5.96 -1.70 40.09
CA SER D 21 -7.27 -1.17 40.47
C SER D 21 -7.86 -0.06 39.61
N TYR D 22 -7.74 -0.22 38.30
CA TYR D 22 -8.27 0.77 37.37
C TYR D 22 -8.32 0.20 35.97
N PRO D 23 -9.08 0.87 35.06
CA PRO D 23 -9.17 0.39 33.67
C PRO D 23 -7.75 0.48 33.10
N HIS D 24 -7.40 -0.43 32.22
CA HIS D 24 -6.04 -0.39 31.72
C HIS D 24 -5.89 -1.18 30.46
N ILE D 25 -4.74 -1.03 29.83
CA ILE D 25 -4.46 -1.80 28.63
C ILE D 25 -3.28 -2.69 29.02
N GLY D 26 -3.31 -3.93 28.54
CA GLY D 26 -2.23 -4.84 28.87
C GLY D 26 -1.82 -5.76 27.74
N ILE D 27 -0.65 -6.35 27.91
CA ILE D 27 -0.13 -7.31 26.95
C ILE D 27 -0.16 -8.65 27.65
N ASP D 28 -0.97 -9.57 27.12
CA ASP D 28 -1.15 -10.91 27.69
C ASP D 28 -0.45 -11.96 26.84
N ILE D 29 0.45 -12.72 27.47
CA ILE D 29 1.15 -13.78 26.79
C ILE D 29 0.75 -15.12 27.41
N LYS D 30 -0.20 -15.80 26.77
CA LYS D 30 -0.68 -17.11 27.23
C LYS D 30 -1.35 -17.10 28.59
N SER D 31 -1.72 -15.93 29.07
CA SER D 31 -2.38 -15.82 30.37
C SER D 31 -3.10 -14.50 30.47
N VAL D 32 -4.22 -14.47 31.19
CA VAL D 32 -5.01 -13.26 31.38
C VAL D 32 -4.25 -12.31 32.32
N ARG D 33 -3.30 -12.86 33.07
CA ARG D 33 -2.50 -12.07 34.00
C ARG D 33 -1.39 -11.40 33.19
N SER D 34 -1.69 -10.19 32.72
CA SER D 34 -0.81 -9.38 31.90
C SER D 34 0.67 -9.27 32.32
N LYS D 35 1.55 -9.36 31.33
CA LYS D 35 2.98 -9.23 31.57
C LYS D 35 3.30 -7.77 31.86
N LYS D 36 2.53 -6.87 31.23
CA LYS D 36 2.72 -5.43 31.39
C LYS D 36 1.38 -4.74 31.19
N THR D 37 1.09 -3.72 32.01
CA THR D 37 -0.14 -2.94 31.93
C THR D 37 0.21 -1.45 32.03
N ALA D 38 -0.78 -0.63 31.73
CA ALA D 38 -0.63 0.83 31.81
C ALA D 38 -2.03 1.38 32.11
N LYS D 39 -2.09 2.44 32.90
CA LYS D 39 -3.36 3.06 33.25
C LYS D 39 -4.04 3.60 31.98
N TRP D 40 -5.34 3.38 31.88
CA TRP D 40 -6.09 3.81 30.72
C TRP D 40 -7.31 4.61 31.15
N ASN D 41 -7.34 5.89 30.80
CA ASN D 41 -8.46 6.75 31.13
C ASN D 41 -9.58 6.52 30.12
N MET D 42 -10.27 5.40 30.26
CA MET D 42 -11.36 5.04 29.35
C MET D 42 -12.46 6.11 29.41
N GLN D 43 -13.02 6.46 28.26
CA GLN D 43 -14.08 7.46 28.23
C GLN D 43 -15.39 6.80 27.77
N ASN D 44 -16.37 6.75 28.65
CA ASN D 44 -17.67 6.14 28.34
C ASN D 44 -18.39 6.82 27.19
N GLY D 45 -18.69 6.08 26.12
CA GLY D 45 -19.39 6.65 24.99
C GLY D 45 -18.58 7.41 23.94
N LYS D 46 -17.26 7.49 24.05
CA LYS D 46 -16.46 8.18 23.04
C LYS D 46 -15.79 7.13 22.15
N VAL D 47 -15.58 7.50 20.89
CA VAL D 47 -14.93 6.61 19.94
C VAL D 47 -13.41 6.71 20.11
N GLY D 48 -12.76 5.56 20.29
CA GLY D 48 -11.32 5.56 20.46
C GLY D 48 -10.62 4.77 19.38
N THR D 49 -9.30 4.87 19.33
CA THR D 49 -8.47 4.18 18.37
C THR D 49 -7.39 3.40 19.10
N ALA D 50 -7.13 2.18 18.65
CA ALA D 50 -6.09 1.34 19.24
C ALA D 50 -5.15 1.00 18.08
N HIS D 51 -3.86 1.13 18.32
CA HIS D 51 -2.84 0.88 17.31
C HIS D 51 -1.80 -0.10 17.92
N ILE D 52 -1.63 -1.26 17.30
CA ILE D 52 -0.69 -2.29 17.77
C ILE D 52 0.39 -2.56 16.71
N ILE D 53 1.66 -2.58 17.13
CA ILE D 53 2.78 -2.81 16.20
C ILE D 53 3.81 -3.79 16.77
N TYR D 54 4.48 -4.49 15.85
CA TYR D 54 5.52 -5.47 16.20
C TYR D 54 6.45 -5.70 15.03
N ASN D 55 7.74 -5.92 15.32
CA ASN D 55 8.69 -6.21 14.26
C ASN D 55 9.74 -7.17 14.83
N SER D 56 10.17 -8.12 14.02
CA SER D 56 11.14 -9.13 14.46
C SER D 56 12.57 -8.62 14.70
N VAL D 57 12.89 -7.40 14.31
CA VAL D 57 14.23 -6.87 14.56
C VAL D 57 14.30 -6.47 16.04
N ASP D 58 13.39 -5.60 16.46
CA ASP D 58 13.33 -5.15 17.84
C ASP D 58 12.73 -6.17 18.80
N LYS D 59 11.83 -7.01 18.27
CA LYS D 59 11.12 -8.02 19.06
C LYS D 59 10.37 -7.36 20.23
N ARG D 60 9.68 -6.27 19.93
CA ARG D 60 8.91 -5.51 20.91
C ARG D 60 7.46 -5.33 20.43
N LEU D 61 6.50 -5.69 21.29
CA LEU D 61 5.08 -5.54 20.96
C LEU D 61 4.62 -4.27 21.66
N SER D 62 4.17 -3.29 20.88
CA SER D 62 3.70 -2.03 21.43
C SER D 62 2.26 -1.73 21.04
N ALA D 63 1.54 -1.06 21.94
CA ALA D 63 0.16 -0.68 21.67
C ALA D 63 -0.09 0.73 22.21
N VAL D 64 -0.84 1.52 21.44
CA VAL D 64 -1.20 2.87 21.81
C VAL D 64 -2.71 2.96 21.67
N VAL D 65 -3.38 3.36 22.74
CA VAL D 65 -4.83 3.51 22.74
C VAL D 65 -5.10 4.96 23.11
N SER D 66 -5.95 5.63 22.35
CA SER D 66 -6.26 7.02 22.65
C SER D 66 -7.59 7.48 22.08
N TYR D 67 -8.00 8.67 22.52
CA TYR D 67 -9.22 9.30 22.08
C TYR D 67 -8.77 10.63 21.48
N PRO D 68 -9.52 11.14 20.48
CA PRO D 68 -9.11 12.42 19.90
C PRO D 68 -9.01 13.54 20.95
N ASN D 69 -7.92 14.30 20.90
CA ASN D 69 -7.66 15.41 21.83
C ASN D 69 -7.38 14.99 23.27
N ALA D 70 -7.04 13.74 23.48
CA ALA D 70 -6.76 13.28 24.84
C ALA D 70 -5.39 12.64 24.91
N ASP D 71 -4.95 12.35 26.12
CA ASP D 71 -3.66 11.69 26.28
C ASP D 71 -3.87 10.25 25.82
N SER D 72 -2.80 9.63 25.38
CA SER D 72 -2.87 8.27 24.94
C SER D 72 -2.21 7.43 26.01
N ALA D 73 -2.58 6.17 26.08
CA ALA D 73 -1.98 5.25 27.02
C ALA D 73 -1.11 4.37 26.12
N THR D 74 0.10 4.05 26.57
CA THR D 74 0.99 3.21 25.79
C THR D 74 1.54 2.09 26.64
N VAL D 75 1.72 0.93 26.03
CA VAL D 75 2.29 -0.21 26.72
C VAL D 75 3.19 -0.97 25.74
N SER D 76 4.37 -1.37 26.18
CA SER D 76 5.32 -2.13 25.34
C SER D 76 5.86 -3.33 26.12
N TYR D 77 6.22 -4.39 25.42
CA TYR D 77 6.78 -5.57 26.08
C TYR D 77 7.68 -6.30 25.10
N ASP D 78 8.89 -6.64 25.55
CA ASP D 78 9.83 -7.37 24.69
C ASP D 78 9.42 -8.82 24.68
N VAL D 79 9.12 -9.34 23.49
CA VAL D 79 8.73 -10.72 23.36
C VAL D 79 9.08 -11.17 21.97
N ASP D 80 9.70 -12.33 21.88
CA ASP D 80 10.06 -12.89 20.59
C ASP D 80 8.92 -13.83 20.28
N LEU D 81 8.08 -13.46 19.31
CA LEU D 81 6.92 -14.28 18.96
C LEU D 81 7.23 -15.68 18.40
N ASP D 82 8.45 -15.93 17.93
CA ASP D 82 8.83 -17.24 17.40
C ASP D 82 8.74 -18.34 18.46
N ASN D 83 8.99 -17.96 19.71
CA ASN D 83 9.01 -18.86 20.87
C ASN D 83 7.66 -19.07 21.53
N VAL D 84 6.68 -18.26 21.15
CA VAL D 84 5.37 -18.36 21.76
C VAL D 84 4.29 -18.89 20.82
N LEU D 85 4.24 -18.37 19.60
CA LEU D 85 3.21 -18.75 18.64
C LEU D 85 3.65 -19.66 17.52
N PRO D 86 2.67 -20.37 16.92
CA PRO D 86 3.01 -21.27 15.80
C PRO D 86 3.29 -20.34 14.61
N GLU D 87 3.93 -20.80 13.54
CA GLU D 87 4.19 -19.87 12.45
C GLU D 87 2.97 -19.43 11.67
N TRP D 88 1.90 -20.22 11.74
CA TRP D 88 0.64 -19.86 11.08
C TRP D 88 -0.37 -19.63 12.18
N VAL D 89 -1.06 -18.50 12.14
CA VAL D 89 -2.03 -18.12 13.16
C VAL D 89 -3.23 -17.44 12.51
N ARG D 90 -4.23 -17.10 13.32
CA ARG D 90 -5.38 -16.33 12.84
C ARG D 90 -5.40 -15.12 13.75
N VAL D 91 -5.86 -13.98 13.26
CA VAL D 91 -5.91 -12.79 14.10
C VAL D 91 -7.36 -12.43 14.28
N GLY D 92 -7.68 -11.80 15.41
CA GLY D 92 -9.06 -11.44 15.66
C GLY D 92 -9.26 -10.45 16.79
N LEU D 93 -10.53 -10.16 17.06
CA LEU D 93 -10.94 -9.26 18.12
C LEU D 93 -11.87 -10.07 19.02
N SER D 94 -11.81 -9.81 20.32
CA SER D 94 -12.64 -10.54 21.27
C SER D 94 -13.16 -9.57 22.33
N ALA D 95 -14.31 -9.89 22.92
CA ALA D 95 -14.86 -9.03 23.96
C ALA D 95 -15.83 -9.82 24.82
N SER D 96 -16.15 -9.28 25.99
CA SER D 96 -17.07 -9.96 26.88
C SER D 96 -17.65 -8.99 27.88
N THR D 97 -18.67 -9.47 28.58
CA THR D 97 -19.34 -8.71 29.63
C THR D 97 -19.64 -9.76 30.71
N GLY D 98 -19.96 -9.32 31.91
CA GLY D 98 -20.24 -10.27 32.99
C GLY D 98 -21.41 -9.75 33.79
N LEU D 99 -21.24 -9.59 35.10
CA LEU D 99 -22.30 -9.04 35.94
C LEU D 99 -22.58 -7.65 35.37
N TYR D 100 -21.50 -6.94 35.08
CA TYR D 100 -21.61 -5.61 34.52
C TYR D 100 -21.41 -5.72 33.00
N LYS D 101 -21.87 -4.73 32.24
CA LYS D 101 -21.73 -4.83 30.80
C LYS D 101 -21.39 -3.54 30.13
N GLU D 102 -21.33 -3.61 28.80
CA GLU D 102 -20.98 -2.46 27.98
C GLU D 102 -21.10 -2.92 26.55
N THR D 103 -21.27 -1.97 25.63
CA THR D 103 -21.31 -2.31 24.22
C THR D 103 -19.83 -2.49 23.86
N ASN D 104 -19.53 -3.41 22.96
CA ASN D 104 -18.16 -3.64 22.54
C ASN D 104 -18.19 -3.53 21.02
N THR D 105 -18.48 -2.32 20.57
CA THR D 105 -18.63 -1.97 19.16
C THR D 105 -17.33 -1.61 18.42
N ILE D 106 -17.12 -2.27 17.28
CA ILE D 106 -15.94 -2.04 16.45
C ILE D 106 -16.43 -1.32 15.19
N LEU D 107 -15.89 -0.14 14.93
CA LEU D 107 -16.27 0.66 13.79
C LEU D 107 -15.35 0.47 12.59
N SER D 108 -14.13 0.01 12.84
CA SER D 108 -13.17 -0.22 11.75
C SER D 108 -12.05 -1.10 12.24
N TRP D 109 -11.40 -1.79 11.32
CA TRP D 109 -10.32 -2.70 11.68
C TRP D 109 -9.43 -2.94 10.48
N SER D 110 -8.13 -2.69 10.64
CA SER D 110 -7.18 -2.95 9.59
C SER D 110 -5.98 -3.70 10.13
N PHE D 111 -5.32 -4.45 9.26
CA PHE D 111 -4.18 -5.25 9.63
C PHE D 111 -3.27 -5.42 8.41
N THR D 112 -1.97 -5.37 8.64
CA THR D 112 -0.98 -5.52 7.59
C THR D 112 0.14 -6.38 8.15
N SER D 113 0.50 -7.43 7.42
CA SER D 113 1.57 -8.33 7.83
C SER D 113 2.55 -8.43 6.65
N LYS D 114 3.84 -8.48 6.95
CA LYS D 114 4.89 -8.61 5.95
C LYS D 114 5.95 -9.58 6.42
N LEU D 115 6.50 -10.34 5.48
CA LEU D 115 7.55 -11.31 5.76
C LEU D 115 8.55 -11.28 4.62
N LYS D 116 9.82 -10.98 4.92
CA LYS D 116 10.89 -10.92 3.92
C LYS D 116 11.76 -12.16 4.17
N SER D 117 11.75 -13.08 3.22
CA SER D 117 12.53 -14.31 3.33
C SER D 117 14.06 -14.15 3.19
N ASN D 118 14.78 -15.09 3.78
CA ASN D 118 16.21 -15.11 3.80
C ASN D 118 16.84 -15.71 2.51
N SER D 119 16.13 -16.60 1.83
CA SER D 119 16.61 -17.24 0.66
C SER D 119 16.47 -16.30 -0.58
N THR D 120 15.52 -15.39 -0.53
CA THR D 120 15.26 -14.58 -1.69
C THR D 120 15.24 -13.07 -1.51
N HIS D 121 15.08 -12.63 -0.28
CA HIS D 121 15.00 -11.20 -0.01
C HIS D 121 13.79 -10.56 -0.69
N GLU D 122 12.77 -11.40 -0.95
CA GLU D 122 11.49 -10.98 -1.53
C GLU D 122 10.42 -11.09 -0.43
N THR D 123 9.41 -10.22 -0.49
CA THR D 123 8.37 -10.15 0.54
C THR D 123 6.99 -10.72 0.23
N ASN D 124 6.43 -11.37 1.23
CA ASN D 124 5.07 -11.88 1.15
C ASN D 124 4.30 -10.90 2.05
N ALA D 125 3.10 -10.49 1.63
CA ALA D 125 2.33 -9.57 2.43
C ALA D 125 0.85 -9.84 2.44
N LEU D 126 0.19 -9.44 3.52
CA LEU D 126 -1.26 -9.57 3.66
C LEU D 126 -1.77 -8.25 4.23
N HIS D 127 -2.83 -7.72 3.65
CA HIS D 127 -3.43 -6.48 4.14
C HIS D 127 -4.93 -6.51 3.99
N PHE D 128 -5.65 -6.17 5.05
CA PHE D 128 -7.11 -6.06 4.97
C PHE D 128 -7.56 -4.82 5.77
N MET D 129 -8.60 -4.17 5.29
CA MET D 129 -9.12 -3.00 5.96
C MET D 129 -10.64 -2.99 5.88
N PHE D 130 -11.27 -2.96 7.05
CA PHE D 130 -12.72 -2.90 7.10
C PHE D 130 -13.08 -1.56 7.69
N ASN D 131 -13.88 -0.78 6.97
CA ASN D 131 -14.36 0.50 7.47
C ASN D 131 -15.88 0.43 7.58
N GLN D 132 -16.40 -0.68 7.07
CA GLN D 132 -17.84 -0.99 7.04
C GLN D 132 -17.96 -2.51 7.19
N PHE D 133 -18.92 -2.98 7.97
CA PHE D 133 -19.12 -4.41 8.08
C PHE D 133 -20.54 -4.64 7.56
N SER D 134 -20.70 -5.60 6.66
CA SER D 134 -22.03 -5.84 6.13
C SER D 134 -22.68 -6.97 6.93
N LYS D 135 -23.99 -7.13 6.76
CA LYS D 135 -24.72 -8.17 7.46
C LYS D 135 -24.26 -9.58 7.08
N ASP D 136 -23.64 -9.72 5.92
CA ASP D 136 -23.13 -11.02 5.50
C ASP D 136 -21.64 -10.84 5.14
N GLN D 137 -20.82 -10.66 6.17
CA GLN D 137 -19.37 -10.45 6.03
C GLN D 137 -18.68 -11.80 5.95
N LYS D 138 -18.67 -12.40 4.75
CA LYS D 138 -18.09 -13.73 4.57
C LYS D 138 -16.61 -13.95 4.88
N ASP D 139 -15.82 -12.90 5.00
CA ASP D 139 -14.40 -13.05 5.29
C ASP D 139 -14.05 -12.96 6.76
N LEU D 140 -15.07 -12.99 7.62
CA LEU D 140 -14.91 -12.98 9.07
C LEU D 140 -15.52 -14.26 9.64
N ILE D 141 -14.85 -14.87 10.61
CA ILE D 141 -15.38 -16.05 11.25
C ILE D 141 -15.94 -15.49 12.54
N LEU D 142 -17.26 -15.49 12.72
CA LEU D 142 -17.84 -14.95 13.95
C LEU D 142 -18.07 -16.08 14.91
N GLN D 143 -17.69 -15.85 16.16
CA GLN D 143 -17.86 -16.86 17.18
C GLN D 143 -18.66 -16.29 18.34
N GLY D 144 -19.45 -17.13 18.98
CA GLY D 144 -20.22 -16.65 20.12
C GLY D 144 -21.34 -15.70 19.75
N ASP D 145 -21.43 -14.59 20.47
CA ASP D 145 -22.47 -13.60 20.28
C ASP D 145 -22.15 -12.47 19.29
N ALA D 146 -21.02 -12.55 18.60
CA ALA D 146 -20.64 -11.48 17.66
C ALA D 146 -21.51 -11.45 16.42
N THR D 147 -21.87 -10.24 16.00
CA THR D 147 -22.70 -10.03 14.83
C THR D 147 -22.20 -8.78 14.07
N THR D 148 -22.55 -8.67 12.79
CA THR D 148 -22.15 -7.52 11.98
C THR D 148 -23.36 -6.92 11.29
N GLY D 149 -23.12 -5.82 10.57
CA GLY D 149 -24.21 -5.19 9.85
C GLY D 149 -25.06 -4.15 10.54
N THR D 150 -25.13 -4.19 11.88
CA THR D 150 -25.92 -3.20 12.61
C THR D 150 -25.26 -1.81 12.49
N ASP D 151 -25.82 -0.96 11.61
CA ASP D 151 -25.28 0.37 11.34
C ASP D 151 -23.93 0.28 10.65
N GLY D 152 -23.62 -0.90 10.09
CA GLY D 152 -22.34 -1.10 9.44
C GLY D 152 -21.20 -1.39 10.41
N ASN D 153 -21.56 -1.68 11.66
CA ASN D 153 -20.57 -1.96 12.70
C ASN D 153 -20.47 -3.44 13.03
N LEU D 154 -19.46 -3.80 13.83
CA LEU D 154 -19.25 -5.16 14.30
C LEU D 154 -19.53 -5.12 15.80
N GLU D 155 -20.57 -5.81 16.26
CA GLU D 155 -20.92 -5.87 17.68
C GLU D 155 -20.33 -7.16 18.23
N LEU D 156 -19.26 -7.07 19.00
CA LEU D 156 -18.64 -8.27 19.55
C LEU D 156 -19.50 -8.98 20.59
N THR D 157 -20.22 -8.22 21.39
CA THR D 157 -21.09 -8.81 22.41
C THR D 157 -22.54 -8.39 22.19
N ARG D 158 -23.44 -9.20 22.74
CA ARG D 158 -24.88 -9.02 22.62
C ARG D 158 -25.45 -7.67 23.05
N VAL D 159 -26.17 -7.04 22.14
CA VAL D 159 -26.82 -5.76 22.39
C VAL D 159 -28.28 -6.00 22.07
N SER D 160 -29.19 -5.44 22.86
CA SER D 160 -30.62 -5.65 22.61
C SER D 160 -31.13 -4.77 21.45
N SER D 161 -32.35 -5.04 21.03
CA SER D 161 -32.99 -4.31 19.95
C SER D 161 -32.91 -2.80 20.12
N ASN D 162 -33.15 -2.30 21.34
CA ASN D 162 -33.10 -0.87 21.59
C ASN D 162 -31.71 -0.29 21.83
N GLY D 163 -30.68 -1.11 21.63
CA GLY D 163 -29.31 -0.64 21.80
C GLY D 163 -28.66 -0.80 23.17
N SER D 164 -29.31 -1.51 24.08
CA SER D 164 -28.75 -1.71 25.42
C SER D 164 -27.91 -2.98 25.48
N PRO D 165 -26.70 -2.89 26.06
CA PRO D 165 -25.81 -4.06 26.15
C PRO D 165 -26.28 -5.07 27.19
N GLN D 166 -26.02 -6.35 26.92
CA GLN D 166 -26.39 -7.44 27.82
C GLN D 166 -25.18 -7.99 28.58
N GLY D 167 -25.46 -8.62 29.71
CA GLY D 167 -24.39 -9.20 30.52
C GLY D 167 -24.17 -10.67 30.13
N SER D 168 -23.16 -11.29 30.74
CA SER D 168 -22.80 -12.69 30.46
C SER D 168 -22.75 -13.01 28.97
N SER D 169 -22.11 -12.11 28.22
CA SER D 169 -21.94 -12.24 26.77
C SER D 169 -20.46 -12.32 26.35
N VAL D 170 -20.19 -13.12 25.32
CA VAL D 170 -18.83 -13.26 24.78
C VAL D 170 -18.89 -13.43 23.27
N GLY D 171 -18.01 -12.74 22.55
CA GLY D 171 -18.00 -12.84 21.10
C GLY D 171 -16.64 -12.48 20.51
N ARG D 172 -16.34 -13.07 19.37
CA ARG D 172 -15.08 -12.83 18.67
C ARG D 172 -15.30 -12.81 17.16
N ALA D 173 -14.38 -12.15 16.47
CA ALA D 173 -14.40 -12.07 15.00
C ALA D 173 -12.96 -12.33 14.56
N LEU D 174 -12.74 -13.36 13.74
CA LEU D 174 -11.40 -13.66 13.25
C LEU D 174 -11.34 -13.52 11.74
N PHE D 175 -10.23 -13.04 11.20
CA PHE D 175 -10.12 -12.92 9.74
C PHE D 175 -10.06 -14.36 9.20
N TYR D 176 -10.77 -14.61 8.12
CA TYR D 176 -10.87 -15.94 7.53
C TYR D 176 -9.54 -16.63 7.18
N ALA D 177 -8.64 -15.89 6.54
CA ALA D 177 -7.36 -16.48 6.13
C ALA D 177 -6.31 -16.53 7.21
N PRO D 178 -5.57 -17.65 7.27
CA PRO D 178 -4.50 -17.82 8.26
C PRO D 178 -3.43 -16.81 7.88
N VAL D 179 -2.61 -16.40 8.84
CA VAL D 179 -1.55 -15.42 8.63
C VAL D 179 -0.19 -16.05 8.96
N HIS D 180 0.79 -15.87 8.08
CA HIS D 180 2.13 -16.40 8.31
C HIS D 180 2.83 -15.32 9.14
N ILE D 181 2.78 -15.48 10.45
CA ILE D 181 3.35 -14.48 11.36
C ILE D 181 4.89 -14.52 11.52
N TRP D 182 5.51 -15.65 11.23
CA TRP D 182 6.96 -15.74 11.32
C TRP D 182 7.48 -16.95 10.56
N GLU D 183 8.78 -16.95 10.30
CA GLU D 183 9.44 -18.05 9.59
C GLU D 183 10.92 -17.97 9.97
N SER D 184 11.57 -19.12 10.07
CA SER D 184 12.99 -19.21 10.44
C SER D 184 13.92 -18.39 9.54
N SER D 185 13.68 -18.49 8.23
CA SER D 185 14.46 -17.78 7.22
C SER D 185 13.92 -16.38 6.96
N ALA D 186 13.56 -15.64 8.01
CA ALA D 186 13.01 -14.31 7.80
C ALA D 186 14.00 -13.24 8.20
N VAL D 187 14.25 -12.31 7.27
CA VAL D 187 15.16 -11.19 7.49
C VAL D 187 14.43 -10.21 8.44
N VAL D 188 13.16 -9.95 8.11
CA VAL D 188 12.32 -9.07 8.90
C VAL D 188 10.89 -9.55 8.71
N ALA D 189 10.09 -9.41 9.76
CA ALA D 189 8.68 -9.77 9.71
C ALA D 189 8.05 -8.73 10.62
N SER D 190 6.93 -8.17 10.20
CA SER D 190 6.28 -7.17 11.04
C SER D 190 4.80 -7.16 10.80
N PHE D 191 4.06 -6.60 11.74
CA PHE D 191 2.64 -6.48 11.56
C PHE D 191 2.18 -5.21 12.23
N GLU D 192 1.02 -4.74 11.80
CA GLU D 192 0.46 -3.53 12.34
C GLU D 192 -1.05 -3.73 12.33
N ALA D 193 -1.70 -3.43 13.45
CA ALA D 193 -3.16 -3.59 13.53
C ALA D 193 -3.76 -2.31 14.11
N THR D 194 -4.89 -1.90 13.56
CA THR D 194 -5.59 -0.71 13.98
C THR D 194 -7.09 -0.98 14.02
N PHE D 195 -7.77 -0.47 15.05
CA PHE D 195 -9.20 -0.60 15.14
C PHE D 195 -9.79 0.53 15.96
N THR D 196 -10.98 0.96 15.57
CA THR D 196 -11.68 2.01 16.29
C THR D 196 -12.84 1.30 17.01
N PHE D 197 -13.07 1.69 18.26
CA PHE D 197 -14.09 1.06 19.08
C PHE D 197 -14.95 2.07 19.83
N LEU D 198 -16.11 1.62 20.29
CA LEU D 198 -17.03 2.48 21.03
C LEU D 198 -17.57 1.64 22.17
N ILE D 199 -17.13 1.98 23.36
CA ILE D 199 -17.56 1.29 24.57
C ILE D 199 -18.52 2.25 25.26
N LYS D 200 -19.74 1.80 25.47
CA LYS D 200 -20.75 2.61 26.09
C LYS D 200 -21.44 1.76 27.14
N SER D 201 -21.57 2.29 28.35
CA SER D 201 -22.19 1.56 29.43
C SER D 201 -23.22 2.35 30.26
N PRO D 202 -24.38 1.75 30.53
CA PRO D 202 -25.44 2.40 31.31
C PRO D 202 -25.10 2.42 32.81
N ASP D 203 -24.40 1.40 33.28
CA ASP D 203 -24.02 1.29 34.69
C ASP D 203 -22.68 1.91 35.13
N SER D 204 -22.58 2.11 36.43
CA SER D 204 -21.42 2.74 37.09
C SER D 204 -20.06 2.18 36.74
N HIS D 205 -19.99 0.87 36.55
CA HIS D 205 -18.74 0.19 36.22
C HIS D 205 -18.87 -0.61 34.94
N PRO D 206 -18.32 -0.09 33.84
CA PRO D 206 -18.40 -0.82 32.57
C PRO D 206 -17.52 -2.09 32.66
N ALA D 207 -17.90 -3.14 31.94
CA ALA D 207 -17.15 -4.41 31.92
C ALA D 207 -17.54 -5.18 30.66
N ASP D 208 -16.71 -6.10 30.16
CA ASP D 208 -15.41 -6.43 30.72
C ASP D 208 -14.18 -5.98 29.91
N GLY D 209 -14.34 -5.73 28.62
CA GLY D 209 -13.22 -5.28 27.83
C GLY D 209 -13.20 -5.85 26.41
N ILE D 210 -12.27 -5.35 25.61
CA ILE D 210 -12.08 -5.76 24.22
C ILE D 210 -10.63 -6.16 24.09
N ALA D 211 -10.34 -7.11 23.22
CA ALA D 211 -8.96 -7.53 23.04
C ALA D 211 -8.64 -7.89 21.59
N PHE D 212 -7.45 -7.48 21.15
CA PHE D 212 -6.99 -7.85 19.83
C PHE D 212 -6.11 -9.07 20.17
N PHE D 213 -6.31 -10.18 19.46
CA PHE D 213 -5.54 -11.38 19.75
C PHE D 213 -5.02 -12.12 18.53
N ILE D 214 -4.05 -12.99 18.78
CA ILE D 214 -3.42 -13.82 17.77
C ILE D 214 -3.43 -15.20 18.37
N SER D 215 -3.91 -16.19 17.63
CA SER D 215 -3.98 -17.52 18.18
C SER D 215 -3.69 -18.55 17.15
N ASN D 216 -3.71 -19.82 17.57
CA ASN D 216 -3.54 -20.94 16.65
C ASN D 216 -4.78 -20.87 15.73
N ILE D 217 -4.63 -21.32 14.50
CA ILE D 217 -5.67 -21.29 13.48
C ILE D 217 -7.06 -21.83 13.85
N ASP D 218 -7.12 -22.90 14.65
CA ASP D 218 -8.41 -23.49 15.02
C ASP D 218 -8.98 -23.07 16.36
N SER D 219 -8.53 -21.93 16.85
CA SER D 219 -8.97 -21.38 18.12
C SER D 219 -10.47 -21.10 18.19
N SER D 220 -11.06 -21.44 19.34
CA SER D 220 -12.49 -21.22 19.58
C SER D 220 -12.68 -20.72 21.00
N ILE D 221 -13.80 -20.09 21.28
CA ILE D 221 -14.06 -19.57 22.62
C ILE D 221 -14.03 -20.69 23.68
N PRO D 222 -13.16 -20.56 24.70
CA PRO D 222 -13.08 -21.58 25.76
C PRO D 222 -14.40 -21.49 26.52
N SER D 223 -14.95 -22.60 26.95
CA SER D 223 -16.22 -22.50 27.67
C SER D 223 -16.09 -21.74 28.99
N GLY D 224 -17.12 -20.96 29.29
CA GLY D 224 -17.13 -20.18 30.52
C GLY D 224 -16.13 -19.03 30.55
N SER D 225 -15.71 -18.56 29.38
CA SER D 225 -14.75 -17.45 29.33
C SER D 225 -15.42 -16.07 29.25
N THR D 226 -16.64 -15.95 29.78
CA THR D 226 -17.33 -14.67 29.81
C THR D 226 -16.63 -13.81 30.87
N GLY D 227 -17.08 -12.57 31.05
CA GLY D 227 -16.48 -11.70 32.05
C GLY D 227 -14.99 -11.46 31.95
N ARG D 228 -14.32 -11.51 33.09
CA ARG D 228 -12.87 -11.27 33.24
C ARG D 228 -11.94 -12.04 32.30
N LEU D 229 -12.40 -13.15 31.74
CA LEU D 229 -11.52 -13.93 30.87
C LEU D 229 -11.45 -13.46 29.42
N LEU D 230 -12.31 -12.49 29.10
CA LEU D 230 -12.36 -11.82 27.80
C LEU D 230 -12.54 -12.70 26.56
N GLY D 231 -13.10 -13.89 26.77
CA GLY D 231 -13.30 -14.81 25.67
C GLY D 231 -12.02 -15.38 25.12
N LEU D 232 -10.93 -15.26 25.89
CA LEU D 232 -9.64 -15.75 25.43
C LEU D 232 -9.03 -16.89 26.23
N PHE D 233 -9.22 -16.89 27.53
CA PHE D 233 -8.60 -17.93 28.36
C PHE D 233 -9.59 -18.83 29.09
N PRO D 234 -9.24 -20.12 29.28
CA PRO D 234 -10.08 -21.11 29.98
C PRO D 234 -10.13 -20.96 31.51
N ASP D 235 -9.08 -20.35 32.07
CA ASP D 235 -8.99 -20.12 33.51
C ASP D 235 -8.22 -18.82 33.78
N ALA D 236 -8.05 -18.51 35.06
CA ALA D 236 -7.36 -17.28 35.45
C ALA D 236 -5.90 -17.48 35.85
N ASN D 237 -5.31 -18.60 35.44
CA ASN D 237 -3.92 -18.93 35.77
C ASN D 237 -2.85 -18.14 35.07
#